data_4K74
#
_entry.id   4K74
#
_cell.length_a   79.520
_cell.length_b   66.170
_cell.length_c   82.730
_cell.angle_alpha   90.00
_cell.angle_beta   114.99
_cell.angle_gamma   90.00
#
_symmetry.space_group_name_H-M   'P 1 21 1'
#
loop_
_entity.id
_entity.type
_entity.pdbx_description
1 polymer 'DNA polymerase III subunit beta'
2 polymer 'UmuC peptide'
3 water water
#
loop_
_entity_poly.entity_id
_entity_poly.type
_entity_poly.pdbx_seq_one_letter_code
_entity_poly.pdbx_strand_id
1 'polypeptide(L)'
;HHHHHHMKFTVEREHLLKPLQQVSGPLGGRPTLPILGNLLLQVADGTLSLTGTDLEMEMVARVALVQPHEPGATTVPARK
FFDICRGLPEGAEIAVQLEGERMLVRSGRSRFSLSTLPAADFPNLDDWQSEVEFTLPQATMKRLIEATQFSMAHQDVRYY
LNGMLFETEGEELRTVATDGHRLAVCSMPIGQSLPSHSVIVPRKGVIELMRMLDGGDNPLRVQIGSNNIRAHVGDFIFTS
KLVDGRFPDYRRVLPKNPDKHLEAGCDLLKQAFARAAILSNEKFRGVRLYVSENQLKITANNPEQEEAEEILDVTYSGAE
MEIGFNVSYVLDVLNALKCENVRMMLTDSVSSVQIEDAASQSAAYVVMPMRL
;
A,B
2 'polypeptide(L)' CQGVAQLNLFDD C,D
#
# COMPACT_ATOMS: atom_id res chain seq x y z
N HIS A 6 -37.67 0.19 21.89
CA HIS A 6 -37.39 -0.17 20.46
C HIS A 6 -36.03 -0.92 20.29
N MET A 7 -35.44 -0.93 19.09
CA MET A 7 -34.42 -1.91 18.77
C MET A 7 -33.33 -1.90 19.83
N LYS A 8 -32.92 -3.08 20.28
CA LYS A 8 -31.86 -3.21 21.27
C LYS A 8 -31.17 -4.55 21.10
N PHE A 9 -29.84 -4.56 21.21
CA PHE A 9 -29.09 -5.80 21.26
C PHE A 9 -27.76 -5.58 21.97
N THR A 10 -27.19 -6.67 22.49
CA THR A 10 -25.91 -6.63 23.16
C THR A 10 -25.07 -7.79 22.66
N VAL A 11 -23.89 -7.48 22.13
CA VAL A 11 -23.13 -8.47 21.41
C VAL A 11 -21.64 -8.27 21.63
N GLU A 12 -20.87 -9.34 21.54
CA GLU A 12 -19.41 -9.23 21.54
C GLU A 12 -18.89 -8.55 20.25
N ARG A 13 -17.81 -7.79 20.38
CA ARG A 13 -17.21 -7.06 19.26
C ARG A 13 -16.78 -7.98 18.12
N GLU A 14 -16.20 -9.12 18.47
CA GLU A 14 -15.72 -10.09 17.48
C GLU A 14 -16.86 -10.79 16.74
N HIS A 15 -18.07 -10.78 17.30
CA HIS A 15 -19.28 -11.18 16.55
C HIS A 15 -19.59 -10.20 15.43
N LEU A 16 -19.31 -8.91 15.64
CA LEU A 16 -19.65 -7.86 14.67
C LEU A 16 -18.57 -7.51 13.66
N LEU A 17 -17.30 -7.74 13.98
CA LEU A 17 -16.24 -7.22 13.11
C LEU A 17 -16.32 -7.72 11.68
N LYS A 18 -16.30 -9.03 11.49
CA LYS A 18 -16.24 -9.59 10.15
C LYS A 18 -17.50 -9.24 9.33
N PRO A 19 -18.70 -9.34 9.92
CA PRO A 19 -19.93 -8.92 9.23
C PRO A 19 -20.02 -7.44 8.84
N LEU A 20 -19.73 -6.55 9.79
CA LEU A 20 -19.70 -5.11 9.52
C LEU A 20 -18.73 -4.86 8.39
N GLN A 21 -17.60 -5.55 8.41
CA GLN A 21 -16.62 -5.36 7.37
C GLN A 21 -17.21 -5.78 6.02
N GLN A 22 -17.86 -6.94 5.98
CA GLN A 22 -18.31 -7.51 4.72
C GLN A 22 -19.40 -6.68 4.06
N VAL A 23 -20.33 -6.22 4.88
CA VAL A 23 -21.48 -5.50 4.36
C VAL A 23 -21.11 -4.07 4.01
N SER A 24 -19.99 -3.57 4.53
CA SER A 24 -19.48 -2.24 4.16
C SER A 24 -18.78 -2.23 2.79
N GLY A 25 -18.38 -3.41 2.33
CA GLY A 25 -17.75 -3.59 1.01
C GLY A 25 -18.30 -2.81 -0.18
N PRO A 26 -19.63 -2.86 -0.43
CA PRO A 26 -20.30 -2.13 -1.54
C PRO A 26 -20.26 -0.58 -1.52
N LEU A 27 -19.82 0.02 -0.41
CA LEU A 27 -19.91 1.47 -0.20
C LEU A 27 -18.76 2.32 -0.76
N LEU A 33 -25.76 9.43 -2.38
CA LEU A 33 -26.76 9.78 -1.36
C LEU A 33 -26.37 9.25 0.04
N PRO A 34 -26.70 10.01 1.12
CA PRO A 34 -26.31 9.62 2.50
C PRO A 34 -26.76 8.24 2.96
N ILE A 35 -27.95 7.84 2.58
CA ILE A 35 -28.47 6.54 2.96
C ILE A 35 -27.54 5.41 2.51
N LEU A 36 -26.81 5.61 1.41
CA LEU A 36 -25.95 4.57 0.88
C LEU A 36 -24.72 4.36 1.72
N GLY A 37 -24.30 5.40 2.45
CA GLY A 37 -23.22 5.30 3.43
C GLY A 37 -23.69 4.65 4.72
N ASN A 38 -24.99 4.36 4.84
CA ASN A 38 -25.51 3.69 6.02
C ASN A 38 -25.70 2.19 5.87
N LEU A 39 -25.65 1.48 7.00
CA LEU A 39 -26.03 0.05 7.08
C LEU A 39 -27.42 -0.05 7.68
N LEU A 40 -28.25 -0.92 7.11
CA LEU A 40 -29.55 -1.20 7.67
C LEU A 40 -29.31 -2.21 8.78
N LEU A 41 -29.88 -1.93 9.95
CA LEU A 41 -29.79 -2.82 11.11
C LEU A 41 -31.17 -3.31 11.46
N GLN A 42 -31.30 -4.61 11.64
CA GLN A 42 -32.58 -5.24 11.88
C GLN A 42 -32.46 -6.34 12.90
N VAL A 43 -33.10 -6.17 14.05
CA VAL A 43 -33.24 -7.22 15.03
C VAL A 43 -34.63 -7.84 14.85
N ALA A 44 -34.65 -9.14 14.65
CA ALA A 44 -35.90 -9.87 14.51
C ALA A 44 -35.62 -11.34 14.76
N ASP A 45 -36.54 -12.06 15.39
CA ASP A 45 -36.41 -13.51 15.52
C ASP A 45 -35.08 -13.98 16.12
N GLY A 46 -34.63 -13.27 17.16
CA GLY A 46 -33.36 -13.60 17.80
C GLY A 46 -32.15 -13.43 16.91
N THR A 47 -32.24 -12.53 15.95
CA THR A 47 -31.22 -12.34 14.93
C THR A 47 -31.06 -10.87 14.58
N LEU A 48 -29.82 -10.45 14.45
CA LEU A 48 -29.52 -9.13 13.95
C LEU A 48 -29.16 -9.30 12.49
N SER A 49 -29.69 -8.43 11.63
CA SER A 49 -29.28 -8.44 10.26
C SER A 49 -28.64 -7.11 9.95
N LEU A 50 -27.54 -7.17 9.20
CA LEU A 50 -26.79 -6.00 8.77
C LEU A 50 -26.80 -6.03 7.25
N THR A 51 -27.23 -4.94 6.61
CA THR A 51 -27.26 -4.88 5.15
C THR A 51 -26.57 -3.62 4.64
N GLY A 52 -25.69 -3.79 3.65
CA GLY A 52 -25.08 -2.67 2.96
C GLY A 52 -25.43 -2.73 1.49
N THR A 53 -25.58 -1.56 0.85
CA THR A 53 -25.98 -1.51 -0.55
C THR A 53 -25.42 -0.32 -1.32
N ASP A 54 -25.17 -0.53 -2.62
CA ASP A 54 -24.89 0.58 -3.53
C ASP A 54 -26.01 0.80 -4.60
N LEU A 55 -27.20 0.28 -4.33
CA LEU A 55 -28.29 0.19 -5.31
C LEU A 55 -28.12 -0.89 -6.39
N GLU A 56 -26.89 -1.22 -6.81
CA GLU A 56 -26.66 -2.31 -7.80
C GLU A 56 -26.61 -3.69 -7.15
N MET A 57 -26.05 -3.73 -5.94
CA MET A 57 -25.84 -4.97 -5.21
C MET A 57 -25.98 -4.72 -3.74
N GLU A 58 -26.15 -5.78 -2.98
CA GLU A 58 -26.36 -5.65 -1.55
C GLU A 58 -25.85 -6.89 -0.87
N MET A 59 -25.38 -6.68 0.34
CA MET A 59 -24.67 -7.70 1.11
C MET A 59 -25.35 -7.66 2.46
N VAL A 60 -25.82 -8.84 2.89
CA VAL A 60 -26.57 -9.01 4.13
C VAL A 60 -25.85 -10.03 5.02
N ALA A 61 -25.65 -9.67 6.30
CA ALA A 61 -24.97 -10.55 7.26
C ALA A 61 -25.90 -10.79 8.41
N ARG A 62 -25.89 -11.99 8.97
CA ARG A 62 -26.73 -12.33 10.11
C ARG A 62 -25.91 -12.75 11.29
N VAL A 63 -26.24 -12.19 12.45
CA VAL A 63 -25.58 -12.51 13.71
C VAL A 63 -26.65 -13.03 14.67
N ALA A 64 -26.48 -14.26 15.14
CA ALA A 64 -27.34 -14.79 16.20
C ALA A 64 -27.16 -13.92 17.46
N LEU A 65 -28.25 -13.63 18.15
CA LEU A 65 -28.19 -12.86 19.40
C LEU A 65 -28.50 -13.79 20.57
N VAL A 66 -27.52 -13.99 21.45
CA VAL A 66 -27.71 -14.89 22.59
C VAL A 66 -28.07 -14.15 23.87
N GLN A 67 -28.05 -12.82 23.82
CA GLN A 67 -28.39 -12.00 24.99
C GLN A 67 -29.73 -11.30 24.78
N PRO A 68 -30.31 -10.74 25.87
CA PRO A 68 -31.54 -10.00 25.72
C PRO A 68 -31.44 -8.96 24.61
N HIS A 69 -32.49 -8.90 23.80
CA HIS A 69 -32.55 -7.98 22.68
C HIS A 69 -34.00 -7.57 22.52
N GLU A 70 -34.24 -6.54 21.70
CA GLU A 70 -35.60 -6.11 21.37
C GLU A 70 -35.66 -5.78 19.89
N PRO A 71 -36.76 -6.16 19.23
CA PRO A 71 -36.87 -6.03 17.79
C PRO A 71 -37.09 -4.62 17.35
N GLY A 72 -36.64 -4.33 16.13
CA GLY A 72 -36.71 -3.00 15.55
C GLY A 72 -35.61 -2.86 14.53
N ALA A 73 -35.53 -1.67 13.95
CA ALA A 73 -34.63 -1.42 12.83
C ALA A 73 -34.32 0.06 12.71
N THR A 74 -33.13 0.36 12.21
CA THR A 74 -32.69 1.70 11.92
C THR A 74 -31.51 1.60 10.96
N THR A 75 -30.96 2.72 10.55
CA THR A 75 -29.74 2.72 9.73
C THR A 75 -28.72 3.63 10.40
N VAL A 76 -27.44 3.27 10.28
CA VAL A 76 -26.36 4.02 10.92
C VAL A 76 -25.19 4.13 9.94
N PRO A 77 -24.37 5.19 10.08
CA PRO A 77 -23.19 5.30 9.22
C PRO A 77 -22.30 4.09 9.37
N ALA A 78 -21.94 3.49 8.24
CA ALA A 78 -21.26 2.20 8.22
C ALA A 78 -19.86 2.25 8.80
N ARG A 79 -19.12 3.22 8.30
CA ARG A 79 -17.72 3.33 8.56
C ARG A 79 -17.49 3.84 9.98
N LYS A 80 -18.29 4.80 10.45
CA LYS A 80 -18.22 5.22 11.86
C LYS A 80 -18.62 4.08 12.81
N PHE A 81 -19.57 3.24 12.42
CA PHE A 81 -20.02 2.21 13.34
C PHE A 81 -18.98 1.09 13.43
N PHE A 82 -18.41 0.73 12.29
CA PHE A 82 -17.32 -0.22 12.23
C PHE A 82 -16.09 0.29 12.99
N ASP A 83 -15.65 1.51 12.70
CA ASP A 83 -14.44 2.04 13.35
C ASP A 83 -14.59 2.06 14.88
N ILE A 84 -15.79 2.34 15.36
CA ILE A 84 -16.09 2.31 16.78
C ILE A 84 -15.91 0.90 17.31
N CYS A 85 -16.57 -0.08 16.70
CA CYS A 85 -16.41 -1.47 17.15
C CYS A 85 -15.01 -2.01 16.95
N ARG A 86 -14.31 -1.55 15.90
CA ARG A 86 -12.93 -2.00 15.68
C ARG A 86 -12.00 -1.35 16.70
N GLY A 87 -12.24 -0.10 17.00
CA GLY A 87 -11.43 0.59 17.98
C GLY A 87 -11.61 0.13 19.41
N LEU A 88 -12.62 -0.71 19.64
CA LEU A 88 -12.90 -1.15 21.00
C LEU A 88 -11.96 -2.29 21.35
N PRO A 89 -11.74 -2.47 22.64
CA PRO A 89 -10.79 -3.47 23.03
C PRO A 89 -11.25 -4.89 22.74
N GLU A 90 -10.28 -5.78 22.55
CA GLU A 90 -10.52 -7.19 22.36
C GLU A 90 -11.55 -7.74 23.36
N GLY A 91 -12.65 -8.29 22.86
CA GLY A 91 -13.62 -8.97 23.70
C GLY A 91 -14.72 -8.13 24.33
N ALA A 92 -14.74 -6.84 24.02
CA ALA A 92 -15.71 -5.91 24.57
C ALA A 92 -17.18 -6.34 24.37
N GLU A 93 -18.05 -6.00 25.31
CA GLU A 93 -19.48 -6.16 25.15
C GLU A 93 -20.03 -4.84 24.62
N ILE A 94 -20.50 -4.84 23.37
CA ILE A 94 -21.11 -3.66 22.74
C ILE A 94 -22.63 -3.67 22.88
N ALA A 95 -23.15 -2.64 23.53
CA ALA A 95 -24.57 -2.48 23.77
C ALA A 95 -25.16 -1.40 22.88
N VAL A 96 -26.12 -1.79 22.04
CA VAL A 96 -26.75 -0.86 21.09
C VAL A 96 -28.20 -0.66 21.43
N GLN A 97 -28.70 0.55 21.20
CA GLN A 97 -30.13 0.84 21.34
C GLN A 97 -30.50 2.16 20.67
N LEU A 98 -31.68 2.14 20.03
CA LEU A 98 -32.16 3.27 19.26
C LEU A 98 -32.97 4.15 20.19
N GLU A 99 -32.97 5.43 19.92
CA GLU A 99 -33.57 6.42 20.78
C GLU A 99 -33.81 7.71 20.05
N GLY A 100 -34.97 7.81 19.40
CA GLY A 100 -35.21 8.93 18.48
C GLY A 100 -34.28 8.85 17.27
N GLU A 101 -33.60 9.97 16.99
CA GLU A 101 -32.83 10.12 15.76
C GLU A 101 -31.39 9.67 15.92
N ARG A 102 -31.12 8.96 17.02
CA ARG A 102 -29.77 8.55 17.39
C ARG A 102 -29.70 7.09 17.85
N MET A 103 -28.63 6.40 17.46
CA MET A 103 -28.32 5.10 18.04
C MET A 103 -27.24 5.30 19.10
N LEU A 104 -27.36 4.58 20.20
CA LEU A 104 -26.40 4.65 21.26
C LEU A 104 -25.65 3.33 21.34
N VAL A 105 -24.33 3.46 21.33
CA VAL A 105 -23.42 2.35 21.38
C VAL A 105 -22.63 2.59 22.64
N ARG A 106 -22.56 1.57 23.50
CA ARG A 106 -21.91 1.72 24.79
C ARG A 106 -21.11 0.48 25.19
N SER A 107 -19.91 0.74 25.69
CA SER A 107 -19.01 -0.34 26.08
C SER A 107 -18.04 0.20 27.12
N GLY A 108 -17.99 -0.42 28.30
CA GLY A 108 -17.23 0.14 29.39
C GLY A 108 -17.64 1.58 29.60
N ARG A 109 -16.65 2.48 29.70
CA ARG A 109 -16.92 3.91 29.86
C ARG A 109 -16.70 4.64 28.54
N SER A 110 -16.99 3.93 27.44
CA SER A 110 -16.95 4.48 26.12
C SER A 110 -18.37 4.56 25.59
N ARG A 111 -18.76 5.77 25.16
CA ARG A 111 -20.13 6.06 24.82
C ARG A 111 -20.18 6.79 23.49
N PHE A 112 -21.08 6.39 22.61
CA PHE A 112 -21.15 6.98 21.29
C PHE A 112 -22.58 7.17 20.88
N SER A 113 -22.80 8.23 20.10
CA SER A 113 -24.12 8.61 19.68
C SER A 113 -24.10 8.87 18.18
N LEU A 114 -24.67 7.94 17.43
CA LEU A 114 -24.64 7.97 15.96
C LEU A 114 -25.94 8.50 15.43
N SER A 115 -25.90 9.21 14.32
CA SER A 115 -27.10 9.71 13.68
C SER A 115 -27.69 8.57 12.90
N THR A 116 -29.00 8.60 12.70
CA THR A 116 -29.69 7.57 11.96
C THR A 116 -30.44 8.14 10.75
N LEU A 117 -30.77 7.26 9.82
CA LEU A 117 -31.76 7.55 8.77
C LEU A 117 -32.82 6.47 8.85
N PRO A 118 -34.09 6.80 8.57
CA PRO A 118 -35.16 5.81 8.75
C PRO A 118 -34.93 4.52 7.95
N ALA A 119 -35.31 3.38 8.52
CA ALA A 119 -35.14 2.08 7.86
C ALA A 119 -36.10 1.94 6.66
N ALA A 120 -37.25 2.60 6.71
CA ALA A 120 -38.17 2.62 5.58
C ALA A 120 -37.52 3.26 4.35
N ASP A 121 -36.57 4.16 4.56
CA ASP A 121 -35.90 4.84 3.48
C ASP A 121 -34.85 3.97 2.83
N PHE A 122 -34.35 2.97 3.54
CA PHE A 122 -33.23 2.19 3.04
C PHE A 122 -33.58 1.48 1.73
N PRO A 123 -32.71 1.62 0.68
CA PRO A 123 -33.00 1.09 -0.63
C PRO A 123 -33.23 -0.40 -0.70
N ASN A 124 -34.33 -0.76 -1.35
CA ASN A 124 -34.67 -2.14 -1.60
C ASN A 124 -34.45 -2.51 -3.05
N LEU A 125 -33.90 -3.69 -3.19
CA LEU A 125 -33.78 -4.34 -4.47
C LEU A 125 -35.09 -5.13 -4.68
N ASP A 126 -35.76 -4.90 -5.81
CA ASP A 126 -37.12 -5.45 -6.08
C ASP A 126 -37.16 -6.98 -6.12
N ASP A 127 -38.31 -7.55 -5.73
CA ASP A 127 -38.50 -9.02 -5.77
C ASP A 127 -38.22 -9.57 -7.15
N TRP A 128 -37.69 -10.78 -7.20
CA TRP A 128 -37.40 -11.42 -8.47
C TRP A 128 -37.50 -12.94 -8.29
N GLN A 129 -37.44 -13.67 -9.39
CA GLN A 129 -37.61 -15.11 -9.36
C GLN A 129 -36.35 -15.83 -9.83
N SER A 130 -35.96 -16.83 -9.05
CA SER A 130 -34.84 -17.71 -9.40
C SER A 130 -35.28 -18.68 -10.50
N GLU A 131 -34.44 -18.85 -11.49
CA GLU A 131 -34.72 -19.75 -12.60
C GLU A 131 -33.68 -20.85 -12.67
N VAL A 132 -32.59 -20.69 -11.92
CA VAL A 132 -31.47 -21.62 -11.94
C VAL A 132 -30.86 -21.68 -10.55
N GLU A 133 -30.62 -22.89 -10.06
CA GLU A 133 -30.13 -23.09 -8.73
C GLU A 133 -29.15 -24.23 -8.67
N PHE A 134 -28.07 -24.02 -7.94
CA PHE A 134 -27.10 -25.06 -7.68
C PHE A 134 -26.23 -24.66 -6.49
N THR A 135 -25.57 -25.65 -5.93
CA THR A 135 -24.57 -25.42 -4.91
C THR A 135 -23.22 -25.84 -5.45
N LEU A 136 -22.17 -25.26 -4.92
CA LEU A 136 -20.83 -25.71 -5.25
C LEU A 136 -19.87 -25.29 -4.14
N PRO A 137 -18.74 -25.97 -4.04
CA PRO A 137 -17.77 -25.57 -3.04
C PRO A 137 -17.18 -24.17 -3.29
N GLN A 138 -16.89 -23.43 -2.22
CA GLN A 138 -16.34 -22.05 -2.32
C GLN A 138 -15.04 -21.97 -3.12
N ALA A 139 -14.18 -22.99 -2.95
CA ALA A 139 -12.91 -23.09 -3.64
C ALA A 139 -13.10 -23.06 -5.16
N THR A 140 -14.17 -23.67 -5.65
CA THR A 140 -14.47 -23.71 -7.08
C THR A 140 -14.93 -22.35 -7.58
N MET A 141 -15.70 -21.63 -6.76
CA MET A 141 -16.15 -20.28 -7.13
C MET A 141 -14.94 -19.36 -7.19
N LYS A 142 -14.04 -19.50 -6.22
CA LYS A 142 -12.78 -18.76 -6.19
C LYS A 142 -11.98 -19.03 -7.48
N ARG A 143 -11.69 -20.29 -7.74
CA ARG A 143 -10.88 -20.67 -8.89
C ARG A 143 -11.45 -20.06 -10.15
N LEU A 144 -12.77 -20.15 -10.33
CA LEU A 144 -13.43 -19.61 -11.52
C LEU A 144 -13.22 -18.10 -11.67
N ILE A 145 -13.25 -17.36 -10.55
CA ILE A 145 -13.13 -15.91 -10.57
C ILE A 145 -11.68 -15.48 -10.65
N GLU A 146 -10.84 -16.11 -9.86
CA GLU A 146 -9.40 -15.83 -9.94
C GLU A 146 -8.83 -16.09 -11.32
N ALA A 147 -9.25 -17.18 -11.96
CA ALA A 147 -8.74 -17.56 -13.28
C ALA A 147 -9.09 -16.57 -14.39
N THR A 148 -10.14 -15.77 -14.25
CA THR A 148 -10.56 -14.92 -15.36
C THR A 148 -10.77 -13.43 -15.06
N GLN A 149 -10.98 -13.10 -13.79
CA GLN A 149 -11.24 -11.72 -13.32
C GLN A 149 -10.36 -10.65 -13.98
N PHE A 150 -9.07 -10.92 -14.13
CA PHE A 150 -8.10 -9.94 -14.63
C PHE A 150 -8.33 -9.53 -16.08
N SER A 151 -9.17 -10.26 -16.82
CA SER A 151 -9.36 -9.99 -18.24
C SER A 151 -10.58 -9.11 -18.51
N MET A 152 -11.29 -8.79 -17.45
CA MET A 152 -12.45 -7.93 -17.56
C MET A 152 -11.96 -6.57 -18.04
N ALA A 153 -12.71 -5.93 -18.94
CA ALA A 153 -12.42 -4.52 -19.30
C ALA A 153 -12.63 -3.64 -18.05
N HIS A 154 -11.89 -2.54 -17.89
CA HIS A 154 -12.07 -1.69 -16.69
C HIS A 154 -13.28 -0.74 -16.86
N GLN A 155 -13.13 0.33 -17.63
CA GLN A 155 -14.23 1.31 -17.75
C GLN A 155 -14.59 1.58 -19.22
N ASP A 156 -14.76 0.50 -19.94
CA ASP A 156 -15.09 0.52 -21.32
C ASP A 156 -16.54 0.93 -21.48
N VAL A 157 -16.81 1.71 -22.52
CA VAL A 157 -18.16 2.11 -22.88
C VAL A 157 -19.00 0.93 -23.26
N ARG A 158 -18.37 -0.13 -23.76
CA ARG A 158 -19.05 -1.42 -23.82
C ARG A 158 -19.21 -1.90 -22.39
N TYR A 159 -20.36 -1.54 -21.81
CA TYR A 159 -20.70 -1.85 -20.42
C TYR A 159 -20.74 -3.36 -20.24
N TYR A 160 -21.14 -4.06 -21.30
CA TYR A 160 -21.24 -5.51 -21.24
C TYR A 160 -19.91 -6.23 -21.04
N LEU A 161 -18.80 -5.52 -21.27
CA LEU A 161 -17.46 -6.01 -20.95
C LEU A 161 -16.95 -5.62 -19.55
N ASN A 162 -17.62 -4.71 -18.85
CA ASN A 162 -17.17 -4.33 -17.52
C ASN A 162 -17.80 -5.27 -16.50
N GLY A 163 -17.79 -6.56 -16.84
CA GLY A 163 -18.41 -7.58 -16.06
C GLY A 163 -17.89 -8.93 -16.46
N MET A 164 -18.45 -9.95 -15.82
CA MET A 164 -18.01 -11.33 -16.05
C MET A 164 -19.18 -12.19 -16.48
N LEU A 165 -18.98 -13.00 -17.50
CA LEU A 165 -20.02 -13.87 -17.95
C LEU A 165 -20.03 -15.05 -17.01
N PHE A 166 -21.22 -15.46 -16.55
CA PHE A 166 -21.35 -16.69 -15.85
C PHE A 166 -22.22 -17.59 -16.70
N GLU A 167 -21.68 -18.72 -17.13
CA GLU A 167 -22.40 -19.62 -18.03
C GLU A 167 -22.57 -20.98 -17.38
N THR A 168 -23.81 -21.48 -17.35
CA THR A 168 -24.09 -22.85 -16.92
C THR A 168 -24.44 -23.69 -18.14
N GLU A 169 -23.74 -24.81 -18.31
CA GLU A 169 -23.89 -25.68 -19.48
C GLU A 169 -23.59 -27.13 -19.11
N GLY A 170 -24.61 -27.98 -19.21
CA GLY A 170 -24.48 -29.38 -18.85
C GLY A 170 -24.20 -29.49 -17.37
N GLU A 171 -23.03 -30.04 -17.02
CA GLU A 171 -22.66 -30.19 -15.61
C GLU A 171 -21.56 -29.22 -15.22
N GLU A 172 -21.35 -28.19 -16.05
CA GLU A 172 -20.28 -27.22 -15.85
C GLU A 172 -20.78 -25.81 -15.63
N LEU A 173 -20.14 -25.12 -14.68
CA LEU A 173 -20.22 -23.68 -14.54
C LEU A 173 -18.95 -23.08 -15.14
N ARG A 174 -19.14 -22.06 -15.98
CA ARG A 174 -18.07 -21.40 -16.71
C ARG A 174 -18.11 -19.88 -16.54
N THR A 175 -16.92 -19.29 -16.45
CA THR A 175 -16.76 -17.84 -16.38
C THR A 175 -15.98 -17.38 -17.60
N VAL A 176 -16.40 -16.27 -18.18
CA VAL A 176 -15.67 -15.64 -19.27
C VAL A 176 -15.47 -14.17 -18.98
N ALA A 177 -14.32 -13.67 -19.41
CA ALA A 177 -13.97 -12.28 -19.26
C ALA A 177 -13.05 -11.82 -20.42
N THR A 178 -13.35 -10.66 -20.98
CA THR A 178 -12.54 -10.09 -22.06
C THR A 178 -12.68 -8.57 -22.12
N ASP A 179 -11.64 -7.90 -22.55
CA ASP A 179 -11.72 -6.44 -22.76
C ASP A 179 -11.61 -6.07 -24.22
N GLY A 180 -11.75 -7.08 -25.08
CA GLY A 180 -11.64 -6.90 -26.53
C GLY A 180 -10.29 -7.30 -27.12
N HIS A 181 -9.22 -7.22 -26.30
CA HIS A 181 -7.83 -7.52 -26.74
C HIS A 181 -7.32 -8.84 -26.26
N ARG A 182 -7.95 -9.37 -25.22
CA ARG A 182 -7.53 -10.60 -24.58
C ARG A 182 -8.75 -11.19 -23.90
N LEU A 183 -8.68 -12.48 -23.57
CA LEU A 183 -9.84 -13.19 -23.06
C LEU A 183 -9.37 -14.29 -22.14
N ALA A 184 -10.22 -14.60 -21.16
CA ALA A 184 -10.00 -15.70 -20.26
C ALA A 184 -11.32 -16.45 -20.10
N VAL A 185 -11.24 -17.78 -20.13
CA VAL A 185 -12.38 -18.66 -19.93
C VAL A 185 -11.98 -19.81 -19.04
N CYS A 186 -12.85 -20.13 -18.08
CA CYS A 186 -12.60 -21.20 -17.14
C CYS A 186 -13.89 -21.93 -16.96
N SER A 187 -13.83 -23.25 -16.94
CA SER A 187 -14.99 -24.08 -16.73
C SER A 187 -14.63 -25.09 -15.66
N MET A 188 -15.58 -25.41 -14.79
CA MET A 188 -15.35 -26.38 -13.73
C MET A 188 -16.59 -27.27 -13.58
N PRO A 189 -16.39 -28.58 -13.28
CA PRO A 189 -17.53 -29.53 -13.18
C PRO A 189 -18.28 -29.39 -11.86
N ILE A 190 -19.61 -29.42 -11.87
CA ILE A 190 -20.33 -29.16 -10.62
C ILE A 190 -21.32 -30.22 -10.13
N GLY A 191 -21.39 -31.38 -10.81
CA GLY A 191 -22.12 -32.55 -10.28
C GLY A 191 -23.63 -32.67 -10.51
N GLN A 192 -24.27 -31.62 -11.01
CA GLN A 192 -25.72 -31.62 -11.26
C GLN A 192 -25.88 -31.17 -12.69
N SER A 193 -26.76 -31.80 -13.46
CA SER A 193 -27.03 -31.31 -14.82
C SER A 193 -27.73 -29.95 -14.68
N LEU A 194 -27.27 -28.96 -15.44
CA LEU A 194 -27.79 -27.60 -15.30
C LEU A 194 -28.42 -27.15 -16.60
N PRO A 195 -29.43 -26.29 -16.52
CA PRO A 195 -29.94 -25.72 -17.76
C PRO A 195 -28.94 -24.73 -18.33
N SER A 196 -29.11 -24.44 -19.62
CA SER A 196 -28.31 -23.47 -20.33
C SER A 196 -28.77 -22.10 -19.89
N HIS A 197 -27.85 -21.32 -19.37
CA HIS A 197 -28.16 -19.99 -18.96
C HIS A 197 -26.87 -19.17 -18.96
N SER A 198 -26.96 -17.93 -19.43
CA SER A 198 -25.76 -17.13 -19.58
C SER A 198 -26.04 -15.67 -19.20
N VAL A 199 -25.43 -15.22 -18.10
CA VAL A 199 -25.61 -13.85 -17.60
C VAL A 199 -24.27 -13.14 -17.40
N ILE A 200 -24.32 -11.79 -17.30
CA ILE A 200 -23.15 -10.97 -16.95
C ILE A 200 -23.28 -10.34 -15.56
N VAL A 201 -22.39 -10.70 -14.64
CA VAL A 201 -22.32 -10.08 -13.33
C VAL A 201 -21.43 -8.84 -13.44
N PRO A 202 -21.85 -7.70 -12.89
CA PRO A 202 -21.01 -6.51 -12.97
C PRO A 202 -19.67 -6.64 -12.26
N ARG A 203 -18.69 -5.91 -12.74
CA ARG A 203 -17.35 -5.92 -12.20
C ARG A 203 -17.31 -5.84 -10.67
N LYS A 204 -18.04 -4.89 -10.08
CA LYS A 204 -18.11 -4.77 -8.62
C LYS A 204 -18.66 -6.02 -7.93
N GLY A 205 -19.76 -6.54 -8.43
CA GLY A 205 -20.37 -7.75 -7.88
C GLY A 205 -19.39 -8.90 -7.86
N VAL A 206 -18.60 -9.01 -8.93
CA VAL A 206 -17.56 -10.04 -9.02
C VAL A 206 -16.50 -9.86 -7.94
N ILE A 207 -16.12 -8.60 -7.66
CA ILE A 207 -15.13 -8.30 -6.62
C ILE A 207 -15.70 -8.62 -5.24
N GLU A 208 -16.94 -8.19 -5.00
CA GLU A 208 -17.64 -8.51 -3.75
C GLU A 208 -17.87 -9.98 -3.54
N LEU A 209 -18.36 -10.68 -4.55
CA LEU A 209 -18.62 -12.10 -4.40
C LEU A 209 -17.30 -12.85 -4.15
N MET A 210 -16.20 -12.34 -4.70
CA MET A 210 -14.90 -12.95 -4.53
C MET A 210 -14.46 -12.87 -3.06
N ARG A 211 -14.67 -11.73 -2.42
CA ARG A 211 -14.27 -11.49 -1.03
C ARG A 211 -15.15 -12.17 0.05
N MET A 212 -16.28 -12.74 -0.34
CA MET A 212 -17.07 -13.41 0.68
C MET A 212 -16.66 -14.88 0.82
N LEU A 213 -15.81 -15.35 -0.08
CA LEU A 213 -15.28 -16.70 0.01
C LEU A 213 -14.38 -16.88 1.25
N ASP A 214 -13.37 -16.04 1.41
CA ASP A 214 -12.66 -15.87 2.69
C ASP A 214 -12.91 -16.98 3.70
N ASN A 218 -18.06 -24.44 3.29
CA ASN A 218 -17.51 -24.69 1.96
C ASN A 218 -18.53 -24.66 0.81
N PRO A 219 -19.83 -24.84 1.09
CA PRO A 219 -20.77 -24.76 -0.03
C PRO A 219 -21.31 -23.34 -0.16
N LEU A 220 -21.37 -22.88 -1.39
CA LEU A 220 -21.99 -21.63 -1.71
C LEU A 220 -23.25 -22.05 -2.46
N ARG A 221 -24.37 -21.41 -2.16
CA ARG A 221 -25.60 -21.66 -2.90
C ARG A 221 -25.84 -20.46 -3.81
N VAL A 222 -25.97 -20.75 -5.09
CA VAL A 222 -26.18 -19.70 -6.07
C VAL A 222 -27.58 -19.85 -6.67
N GLN A 223 -28.25 -18.72 -6.80
CA GLN A 223 -29.53 -18.63 -7.45
C GLN A 223 -29.38 -17.59 -8.56
N ILE A 224 -29.87 -17.88 -9.75
CA ILE A 224 -29.78 -16.94 -10.87
C ILE A 224 -31.12 -16.74 -11.55
N GLY A 225 -31.60 -15.50 -11.56
CA GLY A 225 -32.81 -15.11 -12.29
C GLY A 225 -32.40 -14.50 -13.61
N SER A 226 -33.30 -13.78 -14.25
CA SER A 226 -33.01 -13.20 -15.57
C SER A 226 -32.29 -11.84 -15.50
N ASN A 227 -32.35 -11.19 -14.33
CA ASN A 227 -31.72 -9.90 -14.10
C ASN A 227 -31.11 -9.83 -12.71
N ASN A 228 -30.76 -10.97 -12.13
CA ASN A 228 -30.28 -11.01 -10.76
C ASN A 228 -29.47 -12.27 -10.48
N ILE A 229 -28.48 -12.14 -9.60
CA ILE A 229 -27.73 -13.28 -9.12
C ILE A 229 -27.63 -13.16 -7.59
N ARG A 230 -27.76 -14.29 -6.91
CA ARG A 230 -27.65 -14.30 -5.47
C ARG A 230 -26.69 -15.39 -5.02
N ALA A 231 -25.89 -15.10 -4.01
CA ALA A 231 -24.98 -16.07 -3.48
C ALA A 231 -25.22 -16.13 -2.00
N HIS A 232 -25.52 -17.34 -1.50
CA HIS A 232 -25.60 -17.56 -0.05
C HIS A 232 -24.32 -18.24 0.36
N VAL A 233 -23.65 -17.69 1.38
CA VAL A 233 -22.38 -18.23 1.86
C VAL A 233 -22.34 -18.08 3.38
N GLY A 234 -22.42 -19.21 4.08
CA GLY A 234 -22.53 -19.19 5.52
C GLY A 234 -23.65 -18.23 5.89
N ASP A 235 -23.35 -17.28 6.77
CA ASP A 235 -24.35 -16.35 7.27
C ASP A 235 -24.50 -15.08 6.39
N PHE A 236 -24.15 -15.18 5.11
CA PHE A 236 -24.15 -14.05 4.20
C PHE A 236 -24.97 -14.29 2.94
N ILE A 237 -25.71 -13.28 2.54
CA ILE A 237 -26.49 -13.37 1.33
C ILE A 237 -26.11 -12.15 0.47
N PHE A 238 -25.47 -12.43 -0.65
CA PHE A 238 -25.11 -11.39 -1.60
C PHE A 238 -26.05 -11.46 -2.78
N THR A 239 -26.46 -10.30 -3.28
CA THR A 239 -27.34 -10.20 -4.43
C THR A 239 -26.87 -9.05 -5.28
N SER A 240 -26.96 -9.20 -6.59
CA SER A 240 -26.53 -8.17 -7.50
C SER A 240 -27.46 -8.07 -8.69
N LYS A 241 -27.51 -6.89 -9.30
CA LYS A 241 -28.13 -6.76 -10.60
C LYS A 241 -27.19 -7.42 -11.60
N LEU A 242 -27.74 -7.89 -12.71
CA LEU A 242 -26.91 -8.30 -13.83
C LEU A 242 -26.76 -7.14 -14.82
N VAL A 243 -25.65 -7.17 -15.56
CA VAL A 243 -25.38 -6.21 -16.62
C VAL A 243 -26.23 -6.60 -17.84
N ASP A 244 -26.86 -5.60 -18.44
CA ASP A 244 -27.63 -5.79 -19.65
C ASP A 244 -26.72 -5.97 -20.86
N GLY A 245 -27.18 -6.72 -21.84
CA GLY A 245 -26.45 -6.86 -23.09
C GLY A 245 -26.04 -8.27 -23.41
N ARG A 246 -25.28 -8.42 -24.50
CA ARG A 246 -24.83 -9.72 -24.97
C ARG A 246 -23.32 -9.88 -25.06
N PHE A 247 -22.81 -10.80 -24.25
CA PHE A 247 -21.38 -11.00 -24.11
C PHE A 247 -20.86 -11.71 -25.36
N PRO A 248 -19.58 -11.53 -25.69
CA PRO A 248 -19.03 -12.30 -26.80
C PRO A 248 -18.97 -13.82 -26.56
N ASP A 249 -19.11 -14.59 -27.63
CA ASP A 249 -19.00 -16.05 -27.62
C ASP A 249 -17.53 -16.48 -27.56
N TYR A 250 -17.13 -17.19 -26.50
CA TYR A 250 -15.75 -17.66 -26.36
C TYR A 250 -15.42 -18.76 -27.40
N ARG A 251 -16.41 -19.57 -27.75
CA ARG A 251 -16.21 -20.63 -28.75
C ARG A 251 -15.62 -20.08 -30.05
N ARG A 252 -15.75 -18.77 -30.21
CA ARG A 252 -15.53 -18.09 -31.47
C ARG A 252 -14.25 -17.23 -31.50
N VAL A 253 -13.70 -16.97 -30.33
CA VAL A 253 -12.44 -16.28 -30.19
C VAL A 253 -11.28 -17.29 -30.13
N LEU A 254 -11.56 -18.49 -29.62
CA LEU A 254 -10.56 -19.54 -29.50
C LEU A 254 -9.98 -19.84 -30.87
N PRO A 255 -8.65 -19.71 -31.02
CA PRO A 255 -8.01 -20.01 -32.30
C PRO A 255 -8.59 -21.25 -32.96
N LYS A 256 -8.85 -21.13 -34.27
CA LYS A 256 -9.64 -22.10 -35.03
C LYS A 256 -9.03 -23.50 -35.05
N ASN A 257 -7.71 -23.57 -35.21
CA ASN A 257 -6.95 -24.81 -35.02
C ASN A 257 -5.48 -24.48 -35.02
N PRO A 258 -4.91 -24.24 -33.82
CA PRO A 258 -3.49 -23.97 -33.74
C PRO A 258 -2.71 -25.19 -34.18
N ASP A 259 -1.68 -24.98 -35.00
CA ASP A 259 -0.81 -26.06 -35.44
C ASP A 259 0.49 -26.13 -34.60
N LYS A 260 0.80 -25.06 -33.88
CA LYS A 260 2.11 -24.93 -33.28
C LYS A 260 2.05 -24.85 -31.76
N HIS A 261 2.55 -25.92 -31.12
CA HIS A 261 2.52 -26.09 -29.66
C HIS A 261 3.90 -25.99 -28.98
N LEU A 262 4.01 -25.05 -28.07
CA LEU A 262 5.24 -24.77 -27.36
C LEU A 262 5.03 -25.00 -25.87
N GLU A 263 5.95 -25.71 -25.23
CA GLU A 263 5.91 -25.92 -23.80
C GLU A 263 7.16 -25.37 -23.13
N ALA A 264 6.99 -24.70 -22.00
CA ALA A 264 8.09 -24.17 -21.22
C ALA A 264 7.68 -24.04 -19.77
N GLY A 265 8.68 -23.83 -18.91
CA GLY A 265 8.47 -23.61 -17.46
C GLY A 265 7.74 -22.30 -17.22
N CYS A 266 6.67 -22.35 -16.42
CA CYS A 266 5.87 -21.15 -16.15
C CYS A 266 6.74 -20.03 -15.56
N ASP A 267 7.54 -20.37 -14.54
CA ASP A 267 8.36 -19.37 -13.85
C ASP A 267 9.47 -18.83 -14.74
N LEU A 268 10.15 -19.72 -15.46
CA LEU A 268 11.25 -19.28 -16.33
C LEU A 268 10.70 -18.37 -17.44
N LEU A 269 9.48 -18.64 -17.88
CA LEU A 269 8.88 -17.87 -18.95
C LEU A 269 8.41 -16.50 -18.41
N LYS A 270 7.78 -16.52 -17.24
CA LYS A 270 7.34 -15.31 -16.56
C LYS A 270 8.46 -14.32 -16.35
N GLN A 271 9.64 -14.84 -16.05
CA GLN A 271 10.78 -14.05 -15.56
C GLN A 271 11.61 -13.49 -16.71
N ALA A 272 11.77 -14.32 -17.72
CA ALA A 272 12.26 -13.88 -19.00
C ALA A 272 11.44 -12.65 -19.45
N PHE A 273 10.11 -12.79 -19.43
CA PHE A 273 9.23 -11.72 -19.89
C PHE A 273 9.27 -10.52 -18.97
N ALA A 274 9.33 -10.76 -17.67
CA ALA A 274 9.37 -9.68 -16.72
C ALA A 274 10.63 -8.85 -16.94
N ARG A 275 11.73 -9.54 -17.25
CA ARG A 275 12.99 -8.86 -17.52
C ARG A 275 12.96 -8.15 -18.87
N ALA A 276 12.50 -8.82 -19.92
CA ALA A 276 12.39 -8.13 -21.20
C ALA A 276 11.49 -6.89 -21.09
N ALA A 277 10.41 -7.00 -20.31
CA ALA A 277 9.41 -5.94 -20.19
C ALA A 277 10.02 -4.60 -19.79
N ILE A 278 11.08 -4.69 -18.99
CA ILE A 278 11.75 -3.51 -18.46
C ILE A 278 12.17 -2.53 -19.56
N LEU A 279 12.63 -3.04 -20.69
CA LEU A 279 13.07 -2.20 -21.80
C LEU A 279 12.09 -2.18 -22.98
N SER A 280 10.81 -2.48 -22.73
CA SER A 280 9.80 -2.33 -23.75
C SER A 280 9.18 -0.94 -23.62
N ASN A 281 8.45 -0.53 -24.65
CA ASN A 281 7.76 0.75 -24.67
C ASN A 281 6.89 0.92 -23.43
N GLU A 282 7.00 2.04 -22.73
CA GLU A 282 6.22 2.24 -21.49
C GLU A 282 4.72 2.30 -21.78
N LYS A 283 4.40 2.91 -22.92
CA LYS A 283 3.02 2.99 -23.43
C LYS A 283 2.50 1.62 -23.90
N PHE A 284 3.16 1.06 -24.91
CA PHE A 284 2.59 -0.04 -25.68
C PHE A 284 3.01 -1.42 -25.16
N ARG A 285 4.24 -1.53 -24.63
CA ARG A 285 4.72 -2.74 -23.94
C ARG A 285 4.87 -3.96 -24.83
N GLY A 286 5.40 -3.74 -26.02
CA GLY A 286 5.56 -4.78 -27.01
C GLY A 286 6.85 -5.54 -26.80
N VAL A 287 6.74 -6.86 -26.85
CA VAL A 287 7.89 -7.74 -26.89
C VAL A 287 7.70 -8.60 -28.10
N ARG A 288 8.78 -9.18 -28.56
CA ARG A 288 8.75 -9.98 -29.72
C ARG A 288 9.16 -11.40 -29.33
N LEU A 289 8.46 -12.40 -29.87
CA LEU A 289 8.79 -13.78 -29.64
C LEU A 289 9.29 -14.37 -30.93
N TYR A 290 10.46 -14.98 -30.88
CA TYR A 290 10.93 -15.83 -31.98
C TYR A 290 10.79 -17.24 -31.47
N VAL A 291 9.99 -18.04 -32.14
CA VAL A 291 10.00 -19.49 -31.84
C VAL A 291 10.78 -20.25 -32.88
N SER A 292 11.66 -21.13 -32.40
CA SER A 292 12.43 -22.00 -33.25
C SER A 292 12.54 -23.34 -32.54
N GLU A 293 13.00 -24.38 -33.23
CA GLU A 293 13.14 -25.70 -32.63
C GLU A 293 13.71 -25.59 -31.22
N ASN A 294 12.88 -25.90 -30.23
CA ASN A 294 13.27 -25.99 -28.79
C ASN A 294 13.87 -24.71 -28.16
N GLN A 295 13.52 -23.56 -28.72
CA GLN A 295 14.05 -22.32 -28.25
C GLN A 295 13.04 -21.18 -28.41
N LEU A 296 12.97 -20.33 -27.39
CA LEU A 296 12.20 -19.09 -27.46
C LEU A 296 13.11 -17.91 -27.21
N LYS A 297 13.17 -17.00 -28.17
CA LYS A 297 13.87 -15.75 -28.03
C LYS A 297 12.80 -14.70 -27.78
N ILE A 298 12.85 -14.03 -26.63
CA ILE A 298 12.04 -12.87 -26.34
C ILE A 298 12.90 -11.63 -26.50
N THR A 299 12.46 -10.64 -27.28
CA THR A 299 13.17 -9.36 -27.35
C THR A 299 12.26 -8.16 -27.04
N ALA A 300 12.86 -7.08 -26.57
CA ALA A 300 12.14 -5.83 -26.36
C ALA A 300 13.02 -4.67 -26.74
N ASN A 301 12.44 -3.61 -27.30
CA ASN A 301 13.16 -2.34 -27.46
C ASN A 301 12.26 -1.14 -27.22
N ASN A 302 12.88 0.01 -26.98
CA ASN A 302 12.10 1.21 -26.67
C ASN A 302 12.58 2.41 -27.48
N PRO A 303 11.84 3.53 -27.40
CA PRO A 303 12.32 4.77 -28.05
C PRO A 303 13.72 5.22 -27.62
N GLU A 304 14.16 4.83 -26.43
CA GLU A 304 15.53 5.09 -25.96
C GLU A 304 16.62 4.32 -26.74
N GLN A 305 16.20 3.45 -27.67
CA GLN A 305 17.12 2.53 -28.36
C GLN A 305 17.72 1.46 -27.43
N GLU A 306 17.22 1.35 -26.20
CA GLU A 306 17.65 0.30 -25.30
C GLU A 306 17.05 -1.02 -25.77
N GLU A 307 17.69 -2.14 -25.50
CA GLU A 307 17.06 -3.45 -25.77
C GLU A 307 17.49 -4.58 -24.86
N ALA A 308 16.56 -5.50 -24.66
CA ALA A 308 16.73 -6.68 -23.82
C ALA A 308 16.53 -7.89 -24.72
N GLU A 309 17.21 -8.99 -24.39
CA GLU A 309 17.11 -10.23 -25.14
C GLU A 309 17.26 -11.38 -24.21
N GLU A 310 16.24 -12.26 -24.18
CA GLU A 310 16.17 -13.46 -23.35
C GLU A 310 16.01 -14.69 -24.25
N ILE A 311 16.85 -15.71 -24.05
CA ILE A 311 16.75 -16.98 -24.78
C ILE A 311 16.37 -18.05 -23.79
N LEU A 312 15.34 -18.84 -24.09
CA LEU A 312 14.95 -19.97 -23.23
C LEU A 312 14.91 -21.26 -24.00
N ASP A 313 15.25 -22.35 -23.31
CA ASP A 313 14.93 -23.71 -23.79
C ASP A 313 13.47 -24.03 -23.53
N VAL A 314 12.77 -24.53 -24.54
CA VAL A 314 11.38 -24.95 -24.42
C VAL A 314 11.23 -26.23 -25.22
N THR A 315 10.05 -26.82 -25.16
CA THR A 315 9.70 -27.95 -26.02
C THR A 315 8.81 -27.43 -27.16
N TYR A 316 9.41 -27.30 -28.34
CA TYR A 316 8.68 -26.89 -29.54
C TYR A 316 9.28 -27.54 -30.79
N SER A 317 8.47 -28.12 -31.66
CA SER A 317 8.98 -28.64 -32.94
C SER A 317 8.24 -28.18 -34.19
N GLY A 318 7.33 -27.22 -34.06
CA GLY A 318 6.63 -26.69 -35.23
C GLY A 318 7.54 -25.85 -36.11
N ALA A 319 6.93 -25.14 -37.06
CA ALA A 319 7.65 -24.19 -37.91
C ALA A 319 8.08 -22.97 -37.11
N GLU A 320 9.03 -22.23 -37.66
CA GLU A 320 9.49 -20.99 -37.08
C GLU A 320 8.53 -19.85 -37.35
N MET A 321 8.48 -18.91 -36.41
CA MET A 321 7.65 -17.73 -36.57
C MET A 321 8.02 -16.63 -35.60
N GLU A 322 7.69 -15.40 -36.00
CA GLU A 322 7.81 -14.23 -35.13
C GLU A 322 6.41 -13.80 -34.77
N ILE A 323 6.25 -13.28 -33.58
CA ILE A 323 4.96 -12.74 -33.19
C ILE A 323 5.24 -11.76 -32.08
N GLY A 324 4.50 -10.65 -32.08
CA GLY A 324 4.62 -9.63 -31.02
C GLY A 324 3.42 -9.68 -30.11
N PHE A 325 3.62 -9.25 -28.87
CA PHE A 325 2.60 -9.23 -27.84
C PHE A 325 2.71 -8.05 -26.90
N ASN A 326 1.58 -7.62 -26.35
CA ASN A 326 1.59 -6.73 -25.21
C ASN A 326 2.07 -7.60 -24.06
N VAL A 327 3.28 -7.32 -23.55
CA VAL A 327 3.89 -8.17 -22.54
C VAL A 327 3.06 -8.21 -21.27
N SER A 328 2.32 -7.15 -20.97
CA SER A 328 1.54 -7.15 -19.73
C SER A 328 0.44 -8.17 -19.84
N TYR A 329 -0.16 -8.30 -21.02
CA TYR A 329 -1.22 -9.28 -21.21
C TYR A 329 -0.67 -10.68 -20.95
N VAL A 330 0.55 -10.91 -21.40
CA VAL A 330 1.20 -12.20 -21.24
C VAL A 330 1.53 -12.43 -19.76
N LEU A 331 2.09 -11.42 -19.09
CA LEU A 331 2.44 -11.53 -17.68
C LEU A 331 1.22 -11.76 -16.76
N ASP A 332 0.11 -11.10 -17.09
CA ASP A 332 -1.15 -11.30 -16.43
C ASP A 332 -1.58 -12.77 -16.44
N VAL A 333 -1.55 -13.37 -17.63
CA VAL A 333 -1.95 -14.76 -17.87
C VAL A 333 -1.06 -15.67 -17.09
N LEU A 334 0.24 -15.49 -17.26
CA LEU A 334 1.22 -16.33 -16.57
C LEU A 334 1.10 -16.18 -15.04
N ASN A 335 0.88 -14.95 -14.55
CA ASN A 335 0.66 -14.74 -13.11
C ASN A 335 -0.56 -15.48 -12.58
N ALA A 336 -1.60 -15.60 -13.41
CA ALA A 336 -2.82 -16.27 -13.00
C ALA A 336 -2.64 -17.79 -13.06
N LEU A 337 -1.82 -18.29 -13.98
CA LEU A 337 -1.57 -19.73 -14.14
C LEU A 337 -0.53 -20.18 -13.13
N LYS A 338 -0.92 -20.32 -11.89
CA LYS A 338 0.06 -20.61 -10.86
C LYS A 338 0.46 -22.09 -10.94
N CYS A 339 1.20 -22.43 -12.00
CA CYS A 339 1.48 -23.83 -12.36
C CYS A 339 2.95 -24.03 -12.76
N GLU A 340 3.32 -25.24 -13.15
CA GLU A 340 4.71 -25.53 -13.44
C GLU A 340 5.11 -25.35 -14.87
N ASN A 341 4.26 -25.81 -15.78
CA ASN A 341 4.55 -25.67 -17.21
C ASN A 341 3.37 -25.06 -17.94
N VAL A 342 3.68 -24.29 -18.98
CA VAL A 342 2.64 -23.64 -19.73
C VAL A 342 2.66 -24.12 -21.16
N ARG A 343 1.49 -24.00 -21.78
CA ARG A 343 1.26 -24.41 -23.15
C ARG A 343 0.88 -23.20 -23.98
N MET A 344 1.72 -22.87 -24.96
CA MET A 344 1.39 -21.85 -25.92
C MET A 344 0.96 -22.50 -27.23
N MET A 345 -0.21 -22.08 -27.73
CA MET A 345 -0.82 -22.64 -28.91
C MET A 345 -0.90 -21.56 -29.98
N LEU A 346 0.00 -21.64 -30.95
CA LEU A 346 0.15 -20.60 -31.96
C LEU A 346 -0.43 -21.03 -33.31
N THR A 347 -0.64 -20.07 -34.19
CA THR A 347 -1.13 -20.35 -35.53
C THR A 347 -0.27 -19.63 -36.56
N ASP A 348 -0.24 -18.31 -36.49
CA ASP A 348 0.64 -17.51 -37.34
C ASP A 348 0.87 -16.13 -36.71
N SER A 349 1.67 -15.29 -37.35
CA SER A 349 2.04 -14.00 -36.76
C SER A 349 0.91 -12.95 -36.68
N VAL A 350 -0.21 -13.21 -37.34
CA VAL A 350 -1.34 -12.27 -37.33
C VAL A 350 -2.53 -12.80 -36.53
N SER A 351 -2.39 -13.97 -35.90
CA SER A 351 -3.49 -14.64 -35.22
C SER A 351 -3.23 -14.70 -33.73
N SER A 352 -4.30 -14.85 -32.95
CA SER A 352 -4.17 -14.92 -31.51
C SER A 352 -3.47 -16.20 -31.10
N VAL A 353 -3.00 -16.21 -29.86
CA VAL A 353 -2.40 -17.39 -29.27
C VAL A 353 -3.29 -17.82 -28.15
N GLN A 354 -3.45 -19.13 -27.99
CA GLN A 354 -4.10 -19.69 -26.81
C GLN A 354 -3.01 -20.11 -25.84
N ILE A 355 -3.16 -19.73 -24.57
CA ILE A 355 -2.25 -20.13 -23.52
C ILE A 355 -3.03 -20.91 -22.48
N GLU A 356 -2.43 -21.98 -21.97
CA GLU A 356 -3.03 -22.86 -20.97
C GLU A 356 -1.98 -23.41 -20.04
N ASP A 357 -2.40 -23.83 -18.85
CA ASP A 357 -1.62 -24.75 -18.04
C ASP A 357 -1.44 -26.03 -18.86
N ALA A 358 -0.20 -26.53 -18.96
CA ALA A 358 0.08 -27.73 -19.74
C ALA A 358 -0.64 -28.96 -19.16
N ALA A 359 -0.86 -28.97 -17.85
CA ALA A 359 -1.42 -30.16 -17.16
C ALA A 359 -2.94 -30.14 -17.00
N SER A 360 -3.60 -29.06 -17.42
CA SER A 360 -5.02 -28.86 -17.12
C SER A 360 -5.71 -28.00 -18.17
N GLN A 361 -6.85 -28.46 -18.69
CA GLN A 361 -7.59 -27.69 -19.67
C GLN A 361 -8.76 -26.89 -19.08
N SER A 362 -8.83 -26.82 -17.75
CA SER A 362 -9.85 -26.06 -17.01
C SER A 362 -9.98 -24.60 -17.45
N ALA A 363 -8.85 -23.98 -17.80
CA ALA A 363 -8.82 -22.57 -18.11
C ALA A 363 -8.02 -22.33 -19.38
N ALA A 364 -8.58 -21.55 -20.30
CA ALA A 364 -7.85 -21.15 -21.50
C ALA A 364 -7.70 -19.61 -21.56
N TYR A 365 -6.62 -19.12 -22.16
CA TYR A 365 -6.42 -17.68 -22.30
C TYR A 365 -6.08 -17.35 -23.74
N VAL A 366 -6.79 -16.37 -24.29
CA VAL A 366 -6.55 -15.97 -25.68
C VAL A 366 -6.08 -14.55 -25.68
N VAL A 367 -4.92 -14.32 -26.26
CA VAL A 367 -4.34 -12.99 -26.33
C VAL A 367 -4.08 -12.64 -27.78
N MET A 368 -4.42 -11.42 -28.13
CA MET A 368 -4.37 -10.96 -29.50
C MET A 368 -2.95 -10.37 -29.74
N PRO A 369 -2.39 -10.55 -30.94
CA PRO A 369 -1.04 -10.05 -31.19
C PRO A 369 -0.96 -8.55 -31.46
N MET A 370 0.25 -8.00 -31.39
CA MET A 370 0.57 -6.61 -31.81
C MET A 370 1.27 -6.63 -33.16
N HIS B 6 37.75 1.77 -21.81
CA HIS B 6 36.30 1.82 -21.53
C HIS B 6 35.99 0.82 -20.43
N MET B 7 34.98 1.17 -19.68
CA MET B 7 34.68 0.58 -18.39
C MET B 7 34.19 -0.85 -18.53
N LYS B 8 34.67 -1.73 -17.67
CA LYS B 8 34.26 -3.12 -17.67
C LYS B 8 34.37 -3.70 -16.28
N PHE B 9 33.35 -4.46 -15.87
CA PHE B 9 33.41 -5.22 -14.62
C PHE B 9 32.47 -6.44 -14.65
N THR B 10 32.78 -7.44 -13.84
CA THR B 10 31.99 -8.65 -13.77
C THR B 10 31.83 -8.98 -12.32
N VAL B 11 30.57 -9.07 -11.88
CA VAL B 11 30.27 -9.12 -10.46
C VAL B 11 29.05 -10.01 -10.20
N GLU B 12 28.99 -10.64 -9.03
CA GLU B 12 27.79 -11.38 -8.63
C GLU B 12 26.62 -10.41 -8.41
N ARG B 13 25.41 -10.88 -8.69
CA ARG B 13 24.20 -10.10 -8.53
C ARG B 13 23.98 -9.65 -7.08
N GLU B 14 24.22 -10.54 -6.13
CA GLU B 14 24.02 -10.19 -4.72
C GLU B 14 25.03 -9.13 -4.21
N HIS B 15 26.17 -8.97 -4.89
CA HIS B 15 27.06 -7.84 -4.62
C HIS B 15 26.40 -6.51 -4.99
N LEU B 16 25.56 -6.48 -6.04
CA LEU B 16 24.96 -5.25 -6.54
C LEU B 16 23.58 -4.91 -6.00
N LEU B 17 22.84 -5.89 -5.50
CA LEU B 17 21.45 -5.63 -5.12
C LEU B 17 21.34 -4.54 -4.05
N LYS B 18 21.95 -4.77 -2.90
CA LYS B 18 21.79 -3.84 -1.80
C LYS B 18 22.29 -2.42 -2.14
N PRO B 19 23.49 -2.28 -2.75
CA PRO B 19 23.99 -0.97 -3.19
C PRO B 19 23.11 -0.25 -4.23
N LEU B 20 22.72 -0.95 -5.30
CA LEU B 20 21.85 -0.35 -6.33
C LEU B 20 20.58 0.15 -5.68
N GLN B 21 20.08 -0.62 -4.72
CA GLN B 21 18.87 -0.25 -4.03
C GLN B 21 19.06 1.03 -3.22
N GLN B 22 20.20 1.15 -2.54
CA GLN B 22 20.45 2.26 -1.61
C GLN B 22 20.65 3.55 -2.33
N VAL B 23 21.38 3.49 -3.44
CA VAL B 23 21.71 4.68 -4.21
C VAL B 23 20.55 5.13 -5.10
N SER B 24 19.60 4.23 -5.36
CA SER B 24 18.39 4.61 -6.09
C SER B 24 17.41 5.40 -5.23
N GLY B 25 17.72 5.53 -3.94
CA GLY B 25 16.94 6.33 -2.99
C GLY B 25 16.23 7.59 -3.44
N PRO B 26 16.98 8.61 -3.90
CA PRO B 26 16.42 9.93 -4.26
C PRO B 26 15.55 9.88 -5.49
N LEU B 27 15.71 8.82 -6.26
CA LEU B 27 14.85 8.53 -7.38
C LEU B 27 13.65 7.78 -6.85
N ARG B 30 7.38 13.17 -11.61
CA ARG B 30 8.47 12.39 -11.03
C ARG B 30 9.82 12.52 -11.82
N PRO B 31 9.90 12.00 -13.06
CA PRO B 31 11.14 12.10 -13.82
C PRO B 31 11.29 13.43 -14.53
N THR B 32 12.46 14.04 -14.39
CA THR B 32 12.68 15.43 -14.80
C THR B 32 14.16 15.67 -14.88
N LEU B 33 14.66 16.01 -16.06
CA LEU B 33 16.09 16.03 -16.33
C LEU B 33 16.62 14.58 -16.35
N PRO B 34 16.78 14.03 -17.55
CA PRO B 34 17.13 12.63 -17.72
C PRO B 34 18.35 12.18 -16.90
N ILE B 35 19.36 13.02 -16.80
CA ILE B 35 20.57 12.67 -16.08
C ILE B 35 20.27 12.32 -14.63
N LEU B 36 19.24 12.92 -14.06
CA LEU B 36 18.91 12.68 -12.66
C LEU B 36 18.24 11.31 -12.44
N GLY B 37 17.67 10.74 -13.49
CA GLY B 37 17.20 9.36 -13.44
C GLY B 37 18.33 8.36 -13.65
N ASN B 38 19.57 8.84 -13.87
CA ASN B 38 20.69 7.95 -14.06
C ASN B 38 21.54 7.83 -12.83
N LEU B 39 22.27 6.71 -12.74
CA LEU B 39 23.29 6.49 -11.73
C LEU B 39 24.64 6.63 -12.40
N LEU B 40 25.57 7.28 -11.71
CA LEU B 40 26.95 7.39 -12.17
C LEU B 40 27.68 6.13 -11.74
N LEU B 41 28.35 5.50 -12.70
CA LEU B 41 29.12 4.29 -12.46
C LEU B 41 30.59 4.57 -12.69
N GLN B 42 31.42 4.17 -11.73
CA GLN B 42 32.82 4.44 -11.78
C GLN B 42 33.61 3.24 -11.33
N VAL B 43 34.42 2.68 -12.23
CA VAL B 43 35.40 1.67 -11.86
C VAL B 43 36.76 2.34 -11.72
N ALA B 44 37.33 2.27 -10.52
CA ALA B 44 38.64 2.83 -10.25
C ALA B 44 39.23 2.06 -9.07
N ASP B 45 40.55 1.87 -9.07
CA ASP B 45 41.24 1.35 -7.87
C ASP B 45 40.60 0.05 -7.32
N GLY B 46 40.25 -0.88 -8.20
CA GLY B 46 39.62 -2.13 -7.79
C GLY B 46 38.24 -1.96 -7.17
N THR B 47 37.58 -0.86 -7.53
CA THR B 47 36.33 -0.49 -6.87
C THR B 47 35.34 0.07 -7.89
N LEU B 48 34.11 -0.35 -7.74
CA LEU B 48 33.01 0.24 -8.50
C LEU B 48 32.31 1.19 -7.57
N SER B 49 32.06 2.40 -8.02
CA SER B 49 31.25 3.33 -7.25
C SER B 49 29.99 3.60 -8.02
N LEU B 50 28.89 3.68 -7.28
CA LEU B 50 27.55 3.98 -7.78
C LEU B 50 27.07 5.24 -7.10
N THR B 51 26.68 6.27 -7.85
CA THR B 51 26.19 7.51 -7.26
C THR B 51 24.83 7.85 -7.83
N GLY B 52 23.87 8.17 -6.97
CA GLY B 52 22.56 8.71 -7.37
C GLY B 52 22.41 10.11 -6.79
N THR B 53 21.68 10.98 -7.47
CA THR B 53 21.53 12.36 -7.02
C THR B 53 20.19 12.99 -7.42
N ASP B 54 19.71 13.94 -6.61
CA ASP B 54 18.59 14.83 -7.00
C ASP B 54 19.01 16.31 -7.09
N LEU B 55 20.31 16.55 -7.15
CA LEU B 55 20.91 17.89 -7.04
C LEU B 55 21.01 18.42 -5.61
N GLU B 56 20.04 18.10 -4.75
CA GLU B 56 20.07 18.51 -3.34
C GLU B 56 20.94 17.58 -2.47
N MET B 57 20.94 16.31 -2.83
CA MET B 57 21.61 15.29 -2.07
C MET B 57 22.11 14.19 -2.97
N GLU B 58 23.04 13.41 -2.45
CA GLU B 58 23.60 12.35 -3.25
C GLU B 58 24.03 11.22 -2.35
N MET B 59 23.96 10.02 -2.88
CA MET B 59 24.36 8.83 -2.12
C MET B 59 25.26 7.96 -2.97
N VAL B 60 26.40 7.63 -2.37
CA VAL B 60 27.51 6.97 -3.05
C VAL B 60 27.66 5.59 -2.40
N ALA B 61 27.82 4.55 -3.22
CA ALA B 61 28.06 3.20 -2.71
C ALA B 61 29.30 2.63 -3.37
N ARG B 62 30.13 1.94 -2.60
CA ARG B 62 31.32 1.32 -3.15
C ARG B 62 31.24 -0.20 -3.06
N VAL B 63 31.63 -0.87 -4.14
CA VAL B 63 31.66 -2.32 -4.23
C VAL B 63 33.09 -2.75 -4.61
N ALA B 64 33.74 -3.53 -3.77
CA ALA B 64 35.06 -4.07 -4.09
C ALA B 64 34.89 -5.00 -5.27
N LEU B 65 35.80 -4.94 -6.24
CA LEU B 65 35.75 -5.80 -7.42
C LEU B 65 36.82 -6.86 -7.28
N VAL B 66 36.43 -8.13 -7.19
CA VAL B 66 37.41 -9.22 -7.03
C VAL B 66 37.74 -9.93 -8.38
N GLN B 67 37.00 -9.56 -9.43
CA GLN B 67 37.23 -10.14 -10.75
C GLN B 67 37.86 -9.12 -11.68
N PRO B 68 38.40 -9.60 -12.81
CA PRO B 68 38.95 -8.67 -13.79
C PRO B 68 38.00 -7.55 -14.15
N HIS B 69 38.54 -6.35 -14.21
CA HIS B 69 37.78 -5.16 -14.48
C HIS B 69 38.66 -4.17 -15.23
N GLU B 70 38.04 -3.14 -15.79
CA GLU B 70 38.77 -2.08 -16.46
C GLU B 70 38.17 -0.71 -16.10
N PRO B 71 39.02 0.27 -15.88
CA PRO B 71 38.58 1.55 -15.37
C PRO B 71 37.83 2.37 -16.40
N GLY B 72 36.95 3.24 -15.91
CA GLY B 72 36.16 4.09 -16.76
C GLY B 72 34.91 4.47 -16.02
N ALA B 73 34.05 5.19 -16.71
CA ALA B 73 32.84 5.70 -16.10
C ALA B 73 31.77 6.01 -17.16
N THR B 74 30.52 5.94 -16.72
CA THR B 74 29.38 6.27 -17.55
C THR B 74 28.16 6.45 -16.62
N THR B 75 27.01 6.78 -17.18
CA THR B 75 25.79 6.83 -16.39
C THR B 75 24.75 5.97 -17.06
N VAL B 76 23.90 5.33 -16.26
CA VAL B 76 22.85 4.44 -16.78
C VAL B 76 21.55 4.68 -16.03
N PRO B 77 20.40 4.44 -16.68
CA PRO B 77 19.14 4.60 -15.94
C PRO B 77 19.14 3.73 -14.69
N ALA B 78 18.83 4.34 -13.55
CA ALA B 78 18.96 3.70 -12.25
C ALA B 78 17.99 2.54 -12.05
N ARG B 79 16.72 2.83 -12.33
CA ARG B 79 15.62 1.93 -12.07
C ARG B 79 15.64 0.75 -13.05
N LYS B 80 15.88 1.02 -14.34
CA LYS B 80 16.08 -0.09 -15.28
C LYS B 80 17.29 -0.96 -14.91
N PHE B 81 18.37 -0.35 -14.43
CA PHE B 81 19.56 -1.13 -14.15
C PHE B 81 19.35 -1.99 -12.89
N PHE B 82 18.67 -1.44 -11.91
CA PHE B 82 18.29 -2.16 -10.71
C PHE B 82 17.28 -3.29 -10.99
N ASP B 83 16.21 -2.96 -11.70
CA ASP B 83 15.19 -3.96 -12.03
C ASP B 83 15.80 -5.12 -12.81
N ILE B 84 16.76 -4.84 -13.69
CA ILE B 84 17.46 -5.90 -14.39
C ILE B 84 18.19 -6.82 -13.42
N CYS B 85 19.04 -6.27 -12.57
CA CYS B 85 19.80 -7.06 -11.61
C CYS B 85 18.88 -7.71 -10.58
N ARG B 86 17.76 -7.06 -10.23
CA ARG B 86 16.84 -7.70 -9.30
C ARG B 86 16.08 -8.84 -9.98
N GLY B 87 15.77 -8.64 -11.26
CA GLY B 87 15.07 -9.65 -12.06
C GLY B 87 15.87 -10.90 -12.38
N LEU B 88 17.18 -10.82 -12.35
CA LEU B 88 18.00 -11.97 -12.63
C LEU B 88 17.93 -13.04 -11.49
N PRO B 89 18.20 -14.31 -11.82
CA PRO B 89 18.10 -15.36 -10.79
C PRO B 89 19.17 -15.25 -9.72
N GLU B 90 18.95 -15.92 -8.60
CA GLU B 90 19.97 -15.97 -7.52
C GLU B 90 21.31 -16.53 -8.02
N GLY B 91 22.39 -15.88 -7.60
CA GLY B 91 23.74 -16.30 -7.96
C GLY B 91 24.20 -15.98 -9.38
N ALA B 92 23.48 -15.09 -10.08
CA ALA B 92 23.84 -14.75 -11.46
C ALA B 92 25.10 -13.89 -11.52
N GLU B 93 25.94 -14.19 -12.51
CA GLU B 93 27.12 -13.41 -12.82
C GLU B 93 26.66 -12.29 -13.74
N ILE B 94 26.99 -11.05 -13.39
CA ILE B 94 26.57 -9.89 -14.16
C ILE B 94 27.80 -9.21 -14.81
N ALA B 95 27.91 -9.32 -16.14
CA ALA B 95 29.06 -8.79 -16.88
C ALA B 95 28.69 -7.52 -17.63
N VAL B 96 29.35 -6.43 -17.29
CA VAL B 96 29.07 -5.14 -17.91
C VAL B 96 30.21 -4.65 -18.82
N GLN B 97 29.83 -4.11 -19.98
CA GLN B 97 30.81 -3.47 -20.84
C GLN B 97 30.17 -2.32 -21.59
N LEU B 98 31.01 -1.52 -22.25
CA LEU B 98 30.54 -0.46 -23.11
C LEU B 98 30.92 -0.73 -24.54
N GLU B 99 30.00 -0.39 -25.46
CA GLU B 99 30.28 -0.18 -26.89
C GLU B 99 29.23 0.78 -27.44
N GLY B 100 29.67 1.79 -28.20
CA GLY B 100 28.78 2.88 -28.60
C GLY B 100 28.45 3.69 -27.35
N GLU B 101 27.35 4.44 -27.40
CA GLU B 101 26.86 5.18 -26.21
C GLU B 101 25.87 4.31 -25.41
N ARG B 102 26.15 3.01 -25.31
CA ARG B 102 25.33 2.07 -24.59
C ARG B 102 26.12 1.23 -23.60
N MET B 103 25.42 0.69 -22.60
CA MET B 103 26.03 -0.21 -21.65
C MET B 103 25.38 -1.58 -21.82
N LEU B 104 26.20 -2.59 -22.11
CA LEU B 104 25.70 -3.95 -22.33
C LEU B 104 25.85 -4.78 -21.08
N VAL B 105 24.74 -5.25 -20.52
CA VAL B 105 24.72 -6.08 -19.32
C VAL B 105 24.32 -7.50 -19.72
N ARG B 106 25.06 -8.50 -19.22
CA ARG B 106 24.89 -9.89 -19.66
C ARG B 106 24.98 -10.87 -18.50
N SER B 107 24.01 -11.76 -18.39
CA SER B 107 23.96 -12.80 -17.37
C SER B 107 23.27 -14.01 -17.98
N GLY B 108 23.90 -15.18 -17.91
CA GLY B 108 23.36 -16.38 -18.53
C GLY B 108 23.02 -16.10 -19.98
N ARG B 109 21.80 -16.39 -20.41
CA ARG B 109 21.35 -16.02 -21.76
C ARG B 109 20.39 -14.81 -21.75
N SER B 110 20.60 -13.94 -20.77
CA SER B 110 19.85 -12.70 -20.65
C SER B 110 20.80 -11.57 -20.98
N ARG B 111 20.38 -10.73 -21.93
CA ARG B 111 21.25 -9.71 -22.49
C ARG B 111 20.53 -8.37 -22.62
N PHE B 112 21.14 -7.31 -22.11
CA PHE B 112 20.47 -6.01 -22.03
C PHE B 112 21.37 -4.91 -22.46
N SER B 113 20.78 -3.93 -23.13
CA SER B 113 21.55 -2.86 -23.73
C SER B 113 20.95 -1.54 -23.32
N LEU B 114 21.61 -0.85 -22.41
CA LEU B 114 21.05 0.35 -21.79
C LEU B 114 21.67 1.58 -22.41
N SER B 115 20.91 2.66 -22.48
CA SER B 115 21.40 3.90 -23.05
C SER B 115 22.15 4.60 -21.97
N THR B 116 23.14 5.40 -22.37
CA THR B 116 23.96 6.11 -21.41
C THR B 116 23.88 7.63 -21.63
N LEU B 117 24.30 8.36 -20.61
CA LEU B 117 24.60 9.77 -20.72
C LEU B 117 26.03 9.95 -20.20
N PRO B 118 26.79 10.88 -20.78
CA PRO B 118 28.17 11.08 -20.35
C PRO B 118 28.36 11.33 -18.84
N ALA B 119 29.46 10.81 -18.30
CA ALA B 119 29.74 10.95 -16.87
C ALA B 119 30.11 12.38 -16.55
N ALA B 120 30.73 13.05 -17.51
CA ALA B 120 31.08 14.47 -17.38
C ALA B 120 29.86 15.37 -17.19
N ASP B 121 28.72 14.92 -17.70
CA ASP B 121 27.48 15.65 -17.53
C ASP B 121 26.81 15.46 -16.19
N PHE B 122 27.19 14.42 -15.45
CA PHE B 122 26.50 14.06 -14.22
C PHE B 122 26.67 15.17 -13.17
N PRO B 123 25.57 15.64 -12.54
CA PRO B 123 25.63 16.75 -11.59
C PRO B 123 26.49 16.46 -10.36
N ASN B 124 27.17 17.48 -9.89
CA ASN B 124 28.25 17.33 -8.91
C ASN B 124 28.03 18.27 -7.74
N LEU B 125 27.78 17.70 -6.57
CA LEU B 125 27.62 18.51 -5.36
C LEU B 125 29.01 19.08 -5.06
N ASP B 126 29.10 20.41 -4.93
CA ASP B 126 30.39 21.10 -4.78
C ASP B 126 31.15 20.64 -3.51
N ASP B 127 32.49 20.76 -3.54
CA ASP B 127 33.35 20.47 -2.38
C ASP B 127 33.00 21.38 -1.22
N TRP B 128 33.13 20.85 -0.02
CA TRP B 128 32.82 21.61 1.19
C TRP B 128 33.66 21.09 2.36
N GLN B 129 33.68 21.83 3.46
CA GLN B 129 34.52 21.49 4.59
C GLN B 129 33.72 21.08 5.83
N SER B 130 34.14 19.95 6.41
CA SER B 130 33.57 19.45 7.65
C SER B 130 34.03 20.37 8.80
N GLU B 131 33.09 20.72 9.69
CA GLU B 131 33.41 21.53 10.87
C GLU B 131 33.02 20.82 12.17
N VAL B 132 32.30 19.72 12.05
CA VAL B 132 31.86 18.93 13.20
C VAL B 132 31.83 17.45 12.81
N GLU B 133 32.40 16.62 13.65
CA GLU B 133 32.54 15.18 13.35
C GLU B 133 32.31 14.34 14.59
N PHE B 134 31.55 13.26 14.43
CA PHE B 134 31.32 12.33 15.51
C PHE B 134 30.81 11.05 14.93
N THR B 135 30.90 9.97 15.70
CA THR B 135 30.22 8.74 15.34
C THR B 135 29.09 8.54 16.32
N LEU B 136 28.14 7.69 15.97
CA LEU B 136 27.17 7.21 16.93
C LEU B 136 26.50 5.94 16.42
N PRO B 137 25.89 5.17 17.32
CA PRO B 137 25.23 3.95 16.86
C PRO B 137 23.99 4.27 16.00
N GLN B 138 23.72 3.40 15.01
CA GLN B 138 22.59 3.56 14.09
C GLN B 138 21.28 3.64 14.82
N ALA B 139 21.13 2.84 15.86
CA ALA B 139 19.93 2.80 16.68
C ALA B 139 19.63 4.13 17.35
N THR B 140 20.66 4.90 17.65
CA THR B 140 20.49 6.23 18.20
C THR B 140 19.99 7.21 17.14
N MET B 141 20.54 7.13 15.93
CA MET B 141 20.10 8.01 14.85
C MET B 141 18.64 7.73 14.52
N LYS B 142 18.28 6.45 14.53
CA LYS B 142 16.90 6.02 14.32
C LYS B 142 15.94 6.60 15.35
N ARG B 143 16.26 6.40 16.62
CA ARG B 143 15.44 6.91 17.71
C ARG B 143 15.26 8.40 17.57
N LEU B 144 16.35 9.14 17.35
CA LEU B 144 16.25 10.60 17.23
C LEU B 144 15.33 11.04 16.08
N ILE B 145 15.29 10.29 14.98
CA ILE B 145 14.47 10.67 13.84
C ILE B 145 13.05 10.19 14.03
N GLU B 146 12.90 8.96 14.45
CA GLU B 146 11.57 8.44 14.70
C GLU B 146 10.80 9.24 15.75
N ALA B 147 11.49 9.71 16.77
CA ALA B 147 10.86 10.44 17.85
C ALA B 147 10.33 11.83 17.45
N THR B 148 10.84 12.41 16.36
CA THR B 148 10.45 13.77 16.02
C THR B 148 9.99 14.01 14.58
N GLN B 149 10.36 13.13 13.65
CA GLN B 149 10.03 13.27 12.23
C GLN B 149 8.58 13.72 11.97
N PHE B 150 7.63 13.14 12.67
CA PHE B 150 6.21 13.41 12.41
C PHE B 150 5.77 14.85 12.70
N SER B 151 6.57 15.64 13.39
CA SER B 151 6.21 17.02 13.73
C SER B 151 6.72 18.04 12.72
N MET B 152 7.43 17.58 11.71
CA MET B 152 7.92 18.46 10.69
C MET B 152 6.72 19.06 9.99
N ALA B 153 6.79 20.33 9.59
CA ALA B 153 5.73 20.92 8.73
C ALA B 153 5.72 20.29 7.33
N HIS B 154 4.57 20.26 6.70
CA HIS B 154 4.48 19.57 5.41
C HIS B 154 5.13 20.39 4.30
N GLN B 155 4.45 21.42 3.81
CA GLN B 155 5.03 22.23 2.72
C GLN B 155 4.81 23.69 3.08
N ASP B 156 5.26 24.04 4.28
CA ASP B 156 5.10 25.37 4.83
C ASP B 156 6.00 26.34 4.05
N VAL B 157 5.51 27.55 3.81
CA VAL B 157 6.35 28.58 3.14
C VAL B 157 7.53 29.02 3.97
N ARG B 158 7.53 28.72 5.28
CA ARG B 158 8.73 28.83 6.08
C ARG B 158 9.57 27.59 5.79
N TYR B 159 10.36 27.65 4.70
CA TYR B 159 11.11 26.48 4.22
C TYR B 159 11.76 25.79 5.40
N TYR B 160 12.28 26.59 6.33
CA TYR B 160 12.98 26.08 7.50
C TYR B 160 12.17 25.13 8.43
N LEU B 161 10.85 25.24 8.47
CA LEU B 161 10.07 24.24 9.21
C LEU B 161 9.86 22.90 8.46
N ASN B 162 10.17 22.86 7.17
CA ASN B 162 9.97 21.63 6.38
C ASN B 162 11.18 20.72 6.50
N GLY B 163 11.84 20.79 7.65
CA GLY B 163 13.10 20.12 7.85
C GLY B 163 13.18 19.77 9.30
N MET B 164 14.32 19.19 9.68
CA MET B 164 14.55 18.77 11.05
C MET B 164 15.83 19.42 11.55
N LEU B 165 15.79 19.97 12.75
CA LEU B 165 16.96 20.57 13.35
C LEU B 165 17.81 19.41 13.88
N PHE B 166 19.12 19.46 13.61
CA PHE B 166 20.08 18.56 14.28
C PHE B 166 21.02 19.42 15.10
N GLU B 167 20.98 19.25 16.41
CA GLU B 167 21.74 20.06 17.33
C GLU B 167 22.72 19.18 18.10
N THR B 168 24.01 19.53 18.07
CA THR B 168 25.02 18.93 18.92
C THR B 168 25.33 19.90 20.08
N GLU B 169 25.28 19.39 21.31
CA GLU B 169 25.53 20.21 22.50
C GLU B 169 26.11 19.35 23.63
N GLY B 170 27.33 19.69 24.07
CA GLY B 170 28.01 18.90 25.09
C GLY B 170 28.28 17.52 24.56
N GLU B 171 27.69 16.51 25.19
CA GLU B 171 27.88 15.12 24.75
C GLU B 171 26.62 14.55 24.13
N GLU B 172 25.69 15.44 23.77
CA GLU B 172 24.39 15.03 23.23
C GLU B 172 24.21 15.49 21.78
N LEU B 173 23.60 14.60 20.98
CA LEU B 173 22.96 14.97 19.70
C LEU B 173 21.44 15.03 19.93
N ARG B 174 20.84 16.11 19.44
CA ARG B 174 19.44 16.39 19.65
C ARG B 174 18.81 16.70 18.31
N THR B 175 17.55 16.30 18.13
CA THR B 175 16.75 16.62 16.95
C THR B 175 15.53 17.37 17.42
N VAL B 176 15.13 18.39 16.68
CA VAL B 176 13.89 19.12 16.94
C VAL B 176 13.07 19.21 15.65
N ALA B 177 11.75 19.20 15.81
CA ALA B 177 10.83 19.32 14.69
C ALA B 177 9.52 19.93 15.16
N THR B 178 9.01 20.91 14.41
CA THR B 178 7.78 21.62 14.74
C THR B 178 7.12 22.20 13.48
N ASP B 179 5.79 22.30 13.47
CA ASP B 179 5.08 22.94 12.36
C ASP B 179 4.43 24.23 12.81
N GLY B 180 4.81 24.70 13.98
CA GLY B 180 4.22 25.90 14.55
C GLY B 180 3.18 25.58 15.61
N HIS B 181 2.48 24.45 15.48
CA HIS B 181 1.36 24.10 16.38
C HIS B 181 1.74 23.11 17.43
N ARG B 182 2.79 22.36 17.14
CA ARG B 182 3.20 21.27 17.97
C ARG B 182 4.69 21.07 17.71
N LEU B 183 5.37 20.40 18.64
CA LEU B 183 6.82 20.30 18.61
C LEU B 183 7.31 19.02 19.24
N ALA B 184 8.41 18.50 18.73
CA ALA B 184 9.02 17.29 19.27
C ALA B 184 10.51 17.56 19.39
N VAL B 185 11.08 17.18 20.53
CA VAL B 185 12.51 17.30 20.77
C VAL B 185 13.00 16.01 21.41
N CYS B 186 14.13 15.51 20.93
CA CYS B 186 14.73 14.29 21.44
C CYS B 186 16.22 14.51 21.54
N SER B 187 16.82 14.10 22.65
CA SER B 187 18.25 14.24 22.83
C SER B 187 18.72 12.91 23.27
N MET B 188 19.90 12.52 22.81
CA MET B 188 20.51 11.24 23.17
C MET B 188 22.01 11.41 23.37
N PRO B 189 22.59 10.72 24.36
CA PRO B 189 24.05 10.76 24.51
C PRO B 189 24.78 9.92 23.46
N ILE B 190 26.00 10.33 23.11
CA ILE B 190 26.77 9.59 22.11
C ILE B 190 28.24 9.36 22.50
N GLY B 191 28.56 9.56 23.79
CA GLY B 191 29.86 9.20 24.37
C GLY B 191 31.07 10.06 24.05
N GLN B 192 30.86 11.20 23.38
CA GLN B 192 31.96 12.06 22.95
C GLN B 192 31.63 13.49 23.29
N SER B 193 32.63 14.31 23.52
CA SER B 193 32.42 15.74 23.80
C SER B 193 32.34 16.50 22.49
N LEU B 194 31.26 17.24 22.30
CA LEU B 194 30.97 17.91 21.02
C LEU B 194 30.88 19.43 21.14
N PRO B 195 31.14 20.12 20.04
CA PRO B 195 30.94 21.56 20.03
C PRO B 195 29.50 21.95 19.79
N SER B 196 29.17 23.20 20.09
CA SER B 196 27.82 23.69 19.87
C SER B 196 27.59 23.99 18.41
N HIS B 197 26.62 23.30 17.82
CA HIS B 197 26.26 23.54 16.43
C HIS B 197 24.82 23.12 16.14
N SER B 198 24.21 23.84 15.20
CA SER B 198 22.83 23.60 14.82
C SER B 198 22.69 23.71 13.32
N VAL B 199 22.03 22.73 12.72
CA VAL B 199 21.74 22.75 11.29
C VAL B 199 20.36 22.13 11.04
N ILE B 200 19.80 22.42 9.87
CA ILE B 200 18.51 21.90 9.48
C ILE B 200 18.68 20.99 8.27
N VAL B 201 18.34 19.72 8.42
CA VAL B 201 18.41 18.74 7.34
C VAL B 201 17.04 18.71 6.66
N PRO B 202 17.01 18.75 5.31
CA PRO B 202 15.71 18.83 4.66
C PRO B 202 14.89 17.52 4.76
N ARG B 203 13.57 17.64 4.63
CA ARG B 203 12.63 16.53 4.62
C ARG B 203 13.23 15.31 3.93
N LYS B 204 13.56 15.45 2.65
CA LYS B 204 14.15 14.35 1.86
C LYS B 204 15.43 13.75 2.46
N GLY B 205 16.23 14.61 3.11
CA GLY B 205 17.46 14.18 3.75
C GLY B 205 17.21 13.29 4.95
N VAL B 206 16.17 13.61 5.71
CA VAL B 206 15.78 12.81 6.85
C VAL B 206 15.27 11.43 6.44
N ILE B 207 14.47 11.41 5.36
CA ILE B 207 14.03 10.15 4.78
C ILE B 207 15.22 9.25 4.37
N GLU B 208 16.08 9.80 3.53
CA GLU B 208 17.28 9.12 3.06
C GLU B 208 18.32 9.29 4.07
N LEU B 209 18.55 8.32 4.94
CA LEU B 209 19.35 8.59 6.15
C LEU B 209 18.72 7.82 7.28
N MET B 210 17.42 7.94 7.40
CA MET B 210 16.62 6.96 8.10
C MET B 210 16.66 5.65 7.27
N ARG B 211 16.62 5.78 5.95
CA ARG B 211 16.59 4.63 5.04
C ARG B 211 17.95 3.90 4.87
N MET B 212 19.04 4.61 5.15
CA MET B 212 20.37 3.98 5.10
C MET B 212 20.70 3.22 6.35
N LEU B 213 19.84 3.28 7.35
CA LEU B 213 20.09 2.57 8.58
C LEU B 213 19.69 1.10 8.44
N ASP B 214 20.65 0.24 8.15
CA ASP B 214 20.33 -1.17 7.94
C ASP B 214 19.95 -1.90 9.23
N GLY B 215 20.14 -1.22 10.37
CA GLY B 215 19.74 -1.76 11.68
C GLY B 215 20.66 -2.83 12.29
N GLY B 216 21.88 -2.95 11.77
CA GLY B 216 22.91 -3.84 12.33
C GLY B 216 23.96 -3.10 13.14
N ASP B 217 25.21 -3.56 13.07
CA ASP B 217 26.30 -3.11 13.95
C ASP B 217 27.14 -1.94 13.49
N ASN B 218 27.29 -1.75 12.19
CA ASN B 218 28.17 -0.69 11.72
C ASN B 218 27.77 0.67 12.36
N PRO B 219 28.72 1.38 12.97
CA PRO B 219 28.36 2.68 13.52
C PRO B 219 28.23 3.73 12.42
N LEU B 220 27.60 4.84 12.75
CA LEU B 220 27.32 5.90 11.81
C LEU B 220 28.37 6.96 12.00
N ARG B 221 29.07 7.33 10.94
CA ARG B 221 30.05 8.40 11.01
C ARG B 221 29.40 9.62 10.40
N VAL B 222 29.20 10.68 11.18
CA VAL B 222 28.62 11.94 10.66
C VAL B 222 29.66 13.04 10.45
N GLN B 223 29.51 13.83 9.41
CA GLN B 223 30.28 15.04 9.27
C GLN B 223 29.34 16.16 8.92
N ILE B 224 29.41 17.29 9.61
CA ILE B 224 28.52 18.42 9.37
C ILE B 224 29.36 19.64 9.06
N GLY B 225 29.02 20.35 7.97
CA GLY B 225 29.68 21.59 7.55
C GLY B 225 28.72 22.77 7.58
N SER B 226 29.07 23.88 6.93
CA SER B 226 28.23 25.08 7.03
C SER B 226 26.90 24.93 6.28
N ASN B 227 26.93 24.32 5.10
CA ASN B 227 25.71 24.11 4.32
C ASN B 227 25.50 22.64 3.87
N ASN B 228 26.19 21.70 4.51
CA ASN B 228 26.06 20.29 4.14
C ASN B 228 26.11 19.37 5.37
N ILE B 229 25.66 18.13 5.18
CA ILE B 229 25.87 17.05 6.15
C ILE B 229 26.14 15.74 5.40
N ARG B 230 26.96 14.91 6.03
CA ARG B 230 27.32 13.62 5.48
C ARG B 230 27.26 12.52 6.54
N ALA B 231 26.75 11.36 6.15
CA ALA B 231 26.81 10.17 6.98
C ALA B 231 27.47 9.05 6.21
N HIS B 232 28.45 8.39 6.83
CA HIS B 232 29.02 7.13 6.34
C HIS B 232 28.51 5.96 7.19
N VAL B 233 28.11 4.85 6.55
CA VAL B 233 27.93 3.55 7.22
C VAL B 233 28.31 2.45 6.24
N GLY B 234 29.03 1.44 6.69
CA GLY B 234 29.57 0.42 5.78
C GLY B 234 30.38 1.07 4.65
N ASP B 235 30.07 0.70 3.41
CA ASP B 235 30.67 1.33 2.23
C ASP B 235 29.63 2.21 1.52
N PHE B 236 28.79 2.91 2.30
CA PHE B 236 27.73 3.78 1.77
C PHE B 236 27.86 5.17 2.40
N ILE B 237 27.61 6.20 1.60
CA ILE B 237 27.88 7.57 2.00
C ILE B 237 26.76 8.48 1.49
N PHE B 238 26.04 9.06 2.44
CA PHE B 238 24.95 9.98 2.13
C PHE B 238 25.43 11.39 2.40
N THR B 239 25.04 12.32 1.53
CA THR B 239 25.36 13.73 1.70
C THR B 239 24.16 14.58 1.28
N SER B 240 23.87 15.62 2.03
CA SER B 240 22.74 16.48 1.72
C SER B 240 23.11 17.93 1.91
N LYS B 241 22.44 18.79 1.16
CA LYS B 241 22.49 20.21 1.45
C LYS B 241 21.71 20.41 2.72
N LEU B 242 22.04 21.46 3.47
CA LEU B 242 21.24 21.90 4.60
C LEU B 242 20.26 22.98 4.16
N VAL B 243 19.16 23.10 4.90
CA VAL B 243 18.18 24.16 4.67
C VAL B 243 18.69 25.45 5.28
N ASP B 244 18.56 26.53 4.53
CA ASP B 244 18.95 27.84 5.00
C ASP B 244 17.93 28.37 5.99
N GLY B 245 18.38 29.18 6.93
CA GLY B 245 17.48 29.87 7.84
C GLY B 245 17.73 29.52 9.29
N ARG B 246 16.84 30.03 10.15
CA ARG B 246 16.98 29.85 11.59
C ARG B 246 15.78 29.18 12.21
N PHE B 247 16.05 28.01 12.80
CA PHE B 247 15.03 27.17 13.36
C PHE B 247 14.59 27.73 14.70
N PRO B 248 13.34 27.47 15.12
CA PRO B 248 12.92 27.96 16.44
C PRO B 248 13.67 27.29 17.61
N ASP B 249 13.86 28.06 18.68
CA ASP B 249 14.48 27.58 19.91
C ASP B 249 13.48 26.74 20.69
N TYR B 250 13.80 25.47 20.94
CA TYR B 250 12.92 24.59 21.70
C TYR B 250 12.84 24.99 23.19
N ARG B 251 13.94 25.53 23.72
CA ARG B 251 14.01 25.96 25.13
C ARG B 251 12.88 26.92 25.46
N ARG B 252 12.32 27.50 24.42
CA ARG B 252 11.47 28.65 24.51
C ARG B 252 9.99 28.37 24.24
N VAL B 253 9.74 27.22 23.63
CA VAL B 253 8.41 26.68 23.40
C VAL B 253 7.99 25.82 24.61
N LEU B 254 8.94 25.19 25.28
CA LEU B 254 8.63 24.30 26.39
C LEU B 254 7.90 25.06 27.49
N PRO B 255 6.72 24.59 27.90
CA PRO B 255 5.93 25.28 28.92
C PRO B 255 6.77 25.77 30.09
N LYS B 256 6.54 27.02 30.49
CA LYS B 256 7.44 27.77 31.36
C LYS B 256 7.58 27.15 32.74
N ASN B 257 6.48 26.63 33.26
CA ASN B 257 6.52 25.75 34.42
C ASN B 257 5.14 25.16 34.64
N PRO B 258 4.91 23.97 34.07
CA PRO B 258 3.62 23.30 34.27
C PRO B 258 3.40 22.94 35.74
N ASP B 259 2.22 23.20 36.25
CA ASP B 259 1.94 22.88 37.65
C ASP B 259 1.16 21.56 37.76
N LYS B 260 0.58 21.11 36.65
CA LYS B 260 -0.38 20.02 36.67
C LYS B 260 0.08 18.80 35.90
N HIS B 261 0.39 17.75 36.64
CA HIS B 261 0.92 16.48 36.10
C HIS B 261 -0.11 15.35 36.16
N LEU B 262 -0.37 14.76 35.00
CA LEU B 262 -1.31 13.67 34.83
C LEU B 262 -0.57 12.45 34.27
N GLU B 263 -0.82 11.28 34.85
CA GLU B 263 -0.27 10.02 34.35
C GLU B 263 -1.35 9.05 33.98
N ALA B 264 -1.15 8.33 32.89
CA ALA B 264 -2.08 7.33 32.46
C ALA B 264 -1.39 6.35 31.53
N GLY B 265 -2.07 5.22 31.30
CA GLY B 265 -1.62 4.21 30.37
C GLY B 265 -1.54 4.72 28.95
N CYS B 266 -0.40 4.55 28.30
CA CYS B 266 -0.24 5.00 26.92
C CYS B 266 -1.28 4.39 25.97
N ASP B 267 -1.53 3.07 26.09
CA ASP B 267 -2.46 2.39 25.18
C ASP B 267 -3.88 2.78 25.47
N LEU B 268 -4.25 2.81 26.75
CA LEU B 268 -5.61 3.15 27.10
C LEU B 268 -5.92 4.58 26.64
N LEU B 269 -4.92 5.45 26.71
CA LEU B 269 -5.14 6.86 26.39
C LEU B 269 -5.21 7.06 24.87
N LYS B 270 -4.36 6.33 24.16
CA LYS B 270 -4.36 6.32 22.72
C LYS B 270 -5.69 5.88 22.15
N GLN B 271 -6.15 4.72 22.60
CA GLN B 271 -7.39 4.12 22.14
C GLN B 271 -8.60 4.92 22.56
N ALA B 272 -8.55 5.55 23.72
CA ALA B 272 -9.57 6.50 24.08
C ALA B 272 -9.64 7.59 23.02
N PHE B 273 -8.53 8.26 22.73
CA PHE B 273 -8.52 9.36 21.77
C PHE B 273 -8.83 8.90 20.36
N ALA B 274 -8.31 7.75 19.95
CA ALA B 274 -8.60 7.22 18.61
C ALA B 274 -10.10 6.99 18.43
N ARG B 275 -10.75 6.50 19.50
CA ARG B 275 -12.19 6.26 19.46
C ARG B 275 -12.93 7.57 19.42
N ALA B 276 -12.60 8.51 20.30
CA ALA B 276 -13.28 9.79 20.33
C ALA B 276 -13.13 10.50 18.98
N ALA B 277 -11.95 10.36 18.38
CA ALA B 277 -11.63 11.02 17.12
C ALA B 277 -12.62 10.71 15.99
N ILE B 278 -13.22 9.53 16.06
CA ILE B 278 -14.14 9.08 15.04
C ILE B 278 -15.35 10.03 14.85
N LEU B 279 -15.83 10.61 15.96
CA LEU B 279 -16.97 11.51 15.94
C LEU B 279 -16.61 12.98 16.16
N SER B 280 -15.35 13.33 15.91
CA SER B 280 -14.95 14.73 15.89
C SER B 280 -15.09 15.28 14.48
N ASN B 281 -15.10 16.61 14.38
CA ASN B 281 -15.20 17.34 13.12
C ASN B 281 -14.16 16.87 12.11
N GLU B 282 -14.57 16.47 10.90
CA GLU B 282 -13.60 15.89 9.94
C GLU B 282 -12.52 16.91 9.58
N LYS B 283 -12.93 18.17 9.45
CA LYS B 283 -12.07 19.30 9.12
C LYS B 283 -11.13 19.66 10.27
N PHE B 284 -11.72 19.98 11.42
CA PHE B 284 -11.00 20.59 12.55
C PHE B 284 -10.51 19.58 13.62
N ARG B 285 -11.20 18.46 13.79
CA ARG B 285 -10.74 17.37 14.66
C ARG B 285 -10.58 17.73 16.14
N GLY B 286 -11.52 18.48 16.67
CA GLY B 286 -11.45 18.96 18.05
C GLY B 286 -12.00 17.91 18.99
N VAL B 287 -11.26 17.66 20.06
CA VAL B 287 -11.75 16.88 21.18
C VAL B 287 -11.54 17.75 22.40
N ARG B 288 -12.24 17.40 23.46
CA ARG B 288 -12.24 18.19 24.66
C ARG B 288 -11.81 17.28 25.81
N LEU B 289 -10.93 17.81 26.67
CA LEU B 289 -10.43 17.10 27.84
C LEU B 289 -10.94 17.79 29.11
N TYR B 290 -11.51 17.01 30.04
CA TYR B 290 -11.90 17.50 31.35
C TYR B 290 -11.14 16.67 32.39
N VAL B 291 -10.10 17.25 33.00
CA VAL B 291 -9.32 16.57 34.04
C VAL B 291 -9.93 16.85 35.41
N SER B 292 -10.05 15.81 36.23
CA SER B 292 -10.52 15.92 37.61
C SER B 292 -9.78 14.85 38.43
N GLU B 293 -9.90 14.92 39.76
CA GLU B 293 -9.16 13.99 40.62
C GLU B 293 -9.24 12.56 40.07
N ASN B 294 -8.09 12.08 39.59
CA ASN B 294 -7.87 10.69 39.15
C ASN B 294 -8.74 10.23 37.99
N GLN B 295 -9.20 11.18 37.17
CA GLN B 295 -10.11 10.85 36.08
C GLN B 295 -9.87 11.76 34.89
N LEU B 296 -9.96 11.18 33.69
CA LEU B 296 -9.95 11.99 32.48
C LEU B 296 -11.21 11.67 31.69
N LYS B 297 -11.97 12.72 31.39
CA LYS B 297 -13.09 12.62 30.46
C LYS B 297 -12.61 13.21 29.13
N ILE B 298 -12.62 12.40 28.06
CA ILE B 298 -12.42 12.89 26.71
C ILE B 298 -13.77 12.92 26.01
N THR B 299 -14.18 14.06 25.46
CA THR B 299 -15.38 14.08 24.60
C THR B 299 -15.08 14.64 23.19
N ALA B 300 -15.94 14.27 22.25
CA ALA B 300 -15.86 14.80 20.88
C ALA B 300 -17.28 14.95 20.30
N ASN B 301 -17.48 16.00 19.52
CA ASN B 301 -18.73 16.17 18.78
C ASN B 301 -18.48 16.71 17.40
N ASN B 302 -19.48 16.56 16.53
CA ASN B 302 -19.36 17.00 15.14
C ASN B 302 -20.60 17.74 14.62
N PRO B 303 -20.48 18.36 13.44
CA PRO B 303 -21.66 19.05 12.87
C PRO B 303 -22.89 18.13 12.77
N GLU B 304 -22.68 16.82 12.68
CA GLU B 304 -23.78 15.85 12.65
C GLU B 304 -24.53 15.71 13.98
N GLN B 305 -24.10 16.47 15.01
CA GLN B 305 -24.62 16.37 16.39
C GLN B 305 -24.38 14.98 17.02
N GLU B 306 -23.49 14.19 16.40
CA GLU B 306 -23.04 12.95 17.01
C GLU B 306 -22.02 13.28 18.11
N GLU B 307 -21.94 12.44 19.15
CA GLU B 307 -20.89 12.59 20.14
C GLU B 307 -20.40 11.28 20.75
N ALA B 308 -19.14 11.31 21.14
CA ALA B 308 -18.49 10.21 21.85
C ALA B 308 -17.99 10.72 23.23
N GLU B 309 -17.89 9.81 24.18
CA GLU B 309 -17.44 10.16 25.50
C GLU B 309 -16.70 8.97 26.05
N GLU B 310 -15.46 9.24 26.50
CA GLU B 310 -14.56 8.25 27.10
C GLU B 310 -14.11 8.74 28.49
N ILE B 311 -14.25 7.90 29.50
CA ILE B 311 -13.81 8.21 30.86
C ILE B 311 -12.67 7.26 31.18
N LEU B 312 -11.55 7.80 31.68
CA LEU B 312 -10.42 6.97 32.10
C LEU B 312 -9.94 7.26 33.52
N ASP B 313 -9.55 6.21 34.23
CA ASP B 313 -8.81 6.34 35.48
C ASP B 313 -7.38 6.75 35.14
N VAL B 314 -6.89 7.79 35.80
CA VAL B 314 -5.50 8.24 35.67
C VAL B 314 -4.97 8.59 37.07
N THR B 315 -3.70 8.95 37.15
CA THR B 315 -3.15 9.53 38.35
C THR B 315 -3.06 11.04 38.15
N TYR B 316 -3.94 11.78 38.82
CA TYR B 316 -3.93 13.24 38.80
C TYR B 316 -4.51 13.78 40.09
N SER B 317 -3.84 14.75 40.71
CA SER B 317 -4.39 15.43 41.89
C SER B 317 -4.37 16.96 41.85
N GLY B 318 -4.06 17.55 40.71
CA GLY B 318 -4.08 19.00 40.57
C GLY B 318 -5.50 19.55 40.57
N ALA B 319 -5.62 20.83 40.21
CA ALA B 319 -6.93 21.47 40.06
C ALA B 319 -7.62 20.97 38.79
N GLU B 320 -8.94 21.13 38.74
CA GLU B 320 -9.74 20.78 37.59
C GLU B 320 -9.55 21.78 36.48
N MET B 321 -9.71 21.31 35.23
CA MET B 321 -9.64 22.17 34.06
C MET B 321 -10.16 21.46 32.83
N GLU B 322 -10.58 22.27 31.87
CA GLU B 322 -10.99 21.81 30.55
C GLU B 322 -9.98 22.34 29.57
N ILE B 323 -9.71 21.58 28.53
CA ILE B 323 -8.77 22.02 27.49
C ILE B 323 -9.11 21.25 26.23
N GLY B 324 -9.05 21.93 25.09
CA GLY B 324 -9.30 21.28 23.82
C GLY B 324 -8.02 21.04 23.05
N PHE B 325 -8.04 20.02 22.21
CA PHE B 325 -6.89 19.66 21.39
C PHE B 325 -7.32 19.18 20.01
N ASN B 326 -6.47 19.42 19.03
CA ASN B 326 -6.54 18.68 17.79
C ASN B 326 -6.15 17.26 18.17
N VAL B 327 -7.07 16.32 18.05
CA VAL B 327 -6.84 14.94 18.46
C VAL B 327 -5.78 14.25 17.61
N SER B 328 -5.52 14.72 16.41
CA SER B 328 -4.50 14.08 15.61
C SER B 328 -3.12 14.37 16.14
N TYR B 329 -2.94 15.58 16.63
CA TYR B 329 -1.66 15.96 17.22
C TYR B 329 -1.38 15.09 18.45
N VAL B 330 -2.43 14.86 19.24
CA VAL B 330 -2.30 14.04 20.42
C VAL B 330 -1.98 12.58 20.03
N LEU B 331 -2.71 12.04 19.05
CA LEU B 331 -2.52 10.67 18.64
C LEU B 331 -1.12 10.45 18.08
N ASP B 332 -0.64 11.42 17.30
CA ASP B 332 0.69 11.38 16.74
C ASP B 332 1.76 11.21 17.84
N VAL B 333 1.66 12.03 18.88
CA VAL B 333 2.57 12.01 20.01
C VAL B 333 2.52 10.68 20.71
N LEU B 334 1.30 10.24 21.03
CA LEU B 334 1.13 8.97 21.70
C LEU B 334 1.62 7.79 20.83
N ASN B 335 1.37 7.83 19.53
CA ASN B 335 1.92 6.79 18.64
C ASN B 335 3.44 6.73 18.65
N ALA B 336 4.07 7.89 18.80
CA ALA B 336 5.52 7.98 18.83
C ALA B 336 6.10 7.48 20.15
N LEU B 337 5.37 7.67 21.25
CA LEU B 337 5.81 7.26 22.58
C LEU B 337 5.47 5.81 22.81
N LYS B 338 6.27 4.91 22.28
CA LYS B 338 5.92 3.49 22.33
C LYS B 338 6.28 2.95 23.72
N CYS B 339 5.51 3.38 24.73
CA CYS B 339 5.84 3.16 26.14
C CYS B 339 4.60 2.82 26.93
N GLU B 340 4.74 2.57 28.24
CA GLU B 340 3.64 2.08 29.04
C GLU B 340 2.77 3.14 29.71
N ASN B 341 3.40 4.19 30.19
CA ASN B 341 2.66 5.28 30.84
C ASN B 341 3.13 6.61 30.33
N VAL B 342 2.19 7.54 30.25
CA VAL B 342 2.49 8.84 29.70
C VAL B 342 2.28 9.88 30.76
N ARG B 343 2.93 11.01 30.56
CA ARG B 343 2.90 12.13 31.46
C ARG B 343 2.37 13.34 30.72
N MET B 344 1.22 13.85 31.15
CA MET B 344 0.75 15.12 30.64
C MET B 344 1.04 16.20 31.66
N MET B 345 1.62 17.29 31.17
CA MET B 345 2.05 18.42 32.00
C MET B 345 1.30 19.69 31.59
N LEU B 346 0.25 20.01 32.35
CA LEU B 346 -0.68 21.07 31.99
C LEU B 346 -0.41 22.35 32.77
N THR B 347 -0.95 23.46 32.28
CA THR B 347 -0.81 24.73 32.98
C THR B 347 -2.16 25.40 33.15
N ASP B 348 -2.82 25.69 32.03
CA ASP B 348 -4.20 26.17 32.03
C ASP B 348 -4.85 25.91 30.64
N SER B 349 -6.10 26.32 30.46
CA SER B 349 -6.84 25.97 29.23
C SER B 349 -6.38 26.68 27.96
N VAL B 350 -5.56 27.72 28.10
CA VAL B 350 -5.10 28.52 26.97
C VAL B 350 -3.63 28.32 26.69
N SER B 351 -2.99 27.42 27.44
CA SER B 351 -1.53 27.19 27.34
C SER B 351 -1.23 25.80 26.83
N SER B 352 -0.05 25.63 26.25
CA SER B 352 0.33 24.34 25.67
C SER B 352 0.50 23.29 26.73
N VAL B 353 0.48 22.04 26.32
CA VAL B 353 0.74 20.94 27.22
C VAL B 353 2.05 20.29 26.81
N GLN B 354 2.80 19.82 27.78
CA GLN B 354 3.98 19.02 27.52
C GLN B 354 3.62 17.58 27.81
N ILE B 355 3.92 16.70 26.86
CA ILE B 355 3.67 15.28 26.98
C ILE B 355 5.02 14.59 26.90
N GLU B 356 5.19 13.57 27.76
CA GLU B 356 6.41 12.78 27.85
C GLU B 356 6.11 11.34 28.24
N ASP B 357 7.04 10.44 27.91
CA ASP B 357 7.06 9.14 28.53
C ASP B 357 7.25 9.39 30.04
N ALA B 358 6.48 8.72 30.87
CA ALA B 358 6.57 8.88 32.33
C ALA B 358 7.89 8.36 32.88
N ALA B 359 8.50 7.41 32.19
CA ALA B 359 9.76 6.81 32.65
C ALA B 359 11.06 7.47 32.15
N SER B 360 10.97 8.38 31.20
CA SER B 360 12.14 8.88 30.48
C SER B 360 11.93 10.32 30.03
N GLN B 361 12.94 11.14 30.23
CA GLN B 361 12.88 12.53 29.79
C GLN B 361 13.68 12.79 28.52
N SER B 362 14.05 11.72 27.81
CA SER B 362 14.77 11.80 26.52
C SER B 362 14.05 12.62 25.48
N ALA B 363 12.71 12.55 25.46
CA ALA B 363 11.91 13.20 24.44
C ALA B 363 10.75 13.96 25.07
N ALA B 364 10.55 15.21 24.68
CA ALA B 364 9.38 15.99 25.13
C ALA B 364 8.54 16.35 23.91
N TYR B 365 7.23 16.50 24.11
CA TYR B 365 6.35 16.94 23.06
C TYR B 365 5.51 18.08 23.60
N VAL B 366 5.43 19.16 22.83
CA VAL B 366 4.57 20.28 23.16
C VAL B 366 3.54 20.46 22.08
N VAL B 367 2.28 20.44 22.51
CA VAL B 367 1.13 20.63 21.63
C VAL B 367 0.32 21.80 22.12
N MET B 368 -0.11 22.63 21.17
CA MET B 368 -0.79 23.87 21.46
C MET B 368 -2.29 23.55 21.47
N PRO B 369 -3.09 24.21 22.34
CA PRO B 369 -4.53 23.92 22.48
C PRO B 369 -5.39 24.58 21.41
N MET B 370 -6.61 24.07 21.25
CA MET B 370 -7.64 24.69 20.39
C MET B 370 -8.60 25.53 21.23
N GLN C 6 -2.30 -2.37 -30.76
CA GLN C 6 -3.03 -3.50 -30.13
C GLN C 6 -4.45 -3.72 -30.71
N LEU C 7 -4.67 -4.85 -31.37
CA LEU C 7 -5.91 -5.05 -32.15
C LEU C 7 -7.07 -5.71 -31.37
N ASN C 8 -8.29 -5.36 -31.77
CA ASN C 8 -9.52 -5.88 -31.14
C ASN C 8 -9.84 -7.25 -31.75
N LEU C 9 -10.54 -8.09 -31.02
CA LEU C 9 -10.97 -9.40 -31.56
C LEU C 9 -12.16 -9.18 -32.52
N PHE C 10 -12.57 -10.26 -33.22
CA PHE C 10 -13.69 -10.24 -34.19
C PHE C 10 -13.33 -9.51 -35.49
N ALA D 5 -8.93 28.63 15.50
CA ALA D 5 -9.13 27.18 15.85
C ALA D 5 -7.93 26.59 16.60
N GLN D 6 -6.75 26.72 16.00
CA GLN D 6 -5.50 26.14 16.51
C GLN D 6 -4.29 27.11 16.39
N LEU D 7 -3.79 27.59 17.53
CA LEU D 7 -2.83 28.72 17.51
C LEU D 7 -1.37 28.28 17.27
N ASN D 8 -0.56 29.20 16.74
CA ASN D 8 0.87 28.98 16.47
C ASN D 8 1.64 29.32 17.75
N LEU D 9 2.83 28.75 17.94
CA LEU D 9 3.67 29.10 19.11
C LEU D 9 4.25 30.52 18.92
N PHE D 10 4.48 31.21 20.04
CA PHE D 10 4.65 32.69 20.10
C PHE D 10 3.29 33.42 20.02
#